data_9F2W
#
_entry.id   9F2W
#
_cell.length_a   1.00
_cell.length_b   1.00
_cell.length_c   1.00
_cell.angle_alpha   90.00
_cell.angle_beta   90.00
_cell.angle_gamma   90.00
#
_symmetry.space_group_name_H-M   'P 1'
#
loop_
_entity.id
_entity.type
_entity.pdbx_description
1 polymer 'Interferon-induced helicase C domain-containing protein 1'
2 polymer "RNA (5'-R(P*CP*AP*AP*GP*CP*CP*GP*AP*GP*GP*AP*GP*AP*U)-3')"
3 polymer "RNA (5'-R(P*AP*UP*CP*UP*CP*CP*UP*CP*GP*GP*CP*UP*UP*G)-3')"
4 non-polymer 'ZINC ION'
5 non-polymer "ADENOSINE-5'-TRIPHOSPHATE"
#
loop_
_entity_poly.entity_id
_entity_poly.type
_entity_poly.pdbx_seq_one_letter_code
_entity_poly.pdbx_strand_id
1 'polypeptide(L)'
;MGSSHHHHHHSSGRENLYFQGHMIVCSAEDSFRNLILFFRPRLKMYIQVEPVLDHLIFLSAETKEQILKKINTCGNTSAA
ELLLSTLEQGQWPLGWTQMFVEALEHSGNPLAARYVKPTLTDLPSPSSETAHDECLHLLTLLQPTLVDKLLINDVLDTCF
EKGLLTVEDRNRISAAGNSGNESGVRELLRRIVQKENWFSTFLDVLRQTGNDALFQELTGGGCPEDNTDLANSSHRDGPA
ANECLLPAVDESSLETEAWNVDDILPEASCTDSSVTTESDTSLAEGSVSCFDESLGHNSNMGRDSGTMGSDSDESVIQTK
RVSPEPELQLRPYQMEVAQPALDGKNIIICLPTGSGKTRVAVYITKDHLDKKKQASESGKVIVLVNKVMLAEQLFRKEFN
PYLKKWYRIIGLSGDTQLKISFPEVVKSYDVIISTAQILENSLLNLESGDDDGVQLSDFSLIIIDECHHTNKEAVYNNIM
RRYLKQKLRNNDLKKQNKPAIPLPQILGLTASPGVGAAKKQSEAEKHILNICANLDAFTIKTVKENLGQLKHQIKEPCKK
FVIADDTRENPFKEKLLEIMASIQTYCQKSPMSDFGTQHYEQWAIQMEKKAAKDGNRKDRVCAEHLRKYNEALQINDTIR
MIDAYSHLETFYTDEKEKKFAVLNDSKKSLKLDETDEFLMNLFFDNKKMLKKLAENPKYENEKLIKLRNTILEQFTRSEE
SSRGIIFTKTRQSTYALSQWIMENAKFAEVGVKAHHLIGAGHSSEVKPMTQTEQKEVISKFRTGEINLLIATTVAEEGLD
IKECNIVIRYGLVTNEIAMVQARGRARADESTYVLVTSSGSGVTEREIVNDFREKMMYKAINRVQNMKPEEYAHKILELQ
VQSILEKKMKVKRSIAKQYNDNPSLITLLCKNCSMLVCSGENIHVVEKMHHVNMTPEFKGLYIVRENKALQKKFADYQTN
GEIICKCGQAWGTMMVHKGLDLPCLKIRNFVVNFKNNSPKKQYKKWVELPIRFPDLDYSEYCLYSDED
;
A
2 'polyribonucleotide' CAAGCCGAGGAGAU X
3 'polyribonucleotide' AUCUCCUCGGCUUG Y
#
# COMPACT_ATOMS: atom_id res chain seq x y z
N GLU A 327 -11.05 -6.36 -37.31
CA GLU A 327 -10.94 -4.95 -36.94
C GLU A 327 -9.65 -4.71 -36.16
N LEU A 328 -9.13 -5.76 -35.54
CA LEU A 328 -7.93 -5.61 -34.72
C LEU A 328 -6.79 -5.05 -35.56
N GLN A 329 -6.07 -4.09 -34.98
CA GLN A 329 -4.98 -3.40 -35.63
C GLN A 329 -3.74 -3.49 -34.77
N LEU A 330 -2.57 -3.37 -35.41
CA LEU A 330 -1.30 -3.69 -34.77
C LEU A 330 -0.21 -2.81 -35.35
N ARG A 331 1.01 -3.01 -34.88
CA ARG A 331 2.16 -2.22 -35.29
C ARG A 331 3.41 -3.09 -35.35
N PRO A 332 4.45 -2.63 -36.06
CA PRO A 332 5.62 -3.50 -36.26
C PRO A 332 6.31 -3.91 -34.96
N TYR A 333 6.67 -2.95 -34.11
CA TYR A 333 7.36 -3.29 -32.87
C TYR A 333 6.55 -4.27 -32.05
N GLN A 334 5.22 -4.18 -32.12
CA GLN A 334 4.39 -5.16 -31.44
C GLN A 334 4.63 -6.57 -31.98
N MET A 335 4.73 -6.70 -33.30
CA MET A 335 5.07 -8.00 -33.87
C MET A 335 6.42 -8.46 -33.35
N GLU A 336 7.43 -7.60 -33.46
CA GLU A 336 8.79 -8.00 -33.12
C GLU A 336 8.85 -8.48 -31.68
N VAL A 337 8.22 -7.75 -30.76
CA VAL A 337 8.27 -8.14 -29.35
C VAL A 337 7.46 -9.40 -29.13
N ALA A 338 6.29 -9.52 -29.76
CA ALA A 338 5.38 -10.61 -29.46
C ALA A 338 5.58 -11.83 -30.36
N GLN A 339 6.42 -11.74 -31.39
CA GLN A 339 6.61 -12.88 -32.28
C GLN A 339 7.05 -14.12 -31.52
N PRO A 340 8.05 -14.07 -30.64
CA PRO A 340 8.48 -15.30 -29.96
C PRO A 340 7.36 -15.96 -29.16
N ALA A 341 6.52 -15.18 -28.51
CA ALA A 341 5.46 -15.74 -27.69
C ALA A 341 4.38 -16.43 -28.53
N LEU A 342 4.31 -16.12 -29.82
CA LEU A 342 3.26 -16.70 -30.65
C LEU A 342 3.32 -18.22 -30.64
N ASP A 343 4.50 -18.80 -30.42
CA ASP A 343 4.70 -20.25 -30.42
C ASP A 343 5.43 -20.62 -29.12
N GLY A 344 4.67 -20.98 -28.10
CA GLY A 344 5.28 -21.27 -26.82
C GLY A 344 6.04 -20.08 -26.31
N LYS A 345 7.26 -20.32 -25.81
CA LYS A 345 8.15 -19.26 -25.36
C LYS A 345 7.50 -18.42 -24.26
N ASN A 346 7.30 -19.06 -23.11
CA ASN A 346 6.79 -18.34 -21.95
C ASN A 346 7.78 -17.28 -21.53
N ILE A 347 7.48 -16.01 -21.80
CA ILE A 347 8.47 -14.95 -21.74
C ILE A 347 7.87 -13.72 -21.06
N ILE A 348 8.67 -12.66 -21.01
CA ILE A 348 8.25 -11.37 -20.48
C ILE A 348 8.45 -10.33 -21.58
N ILE A 349 7.78 -9.20 -21.41
CA ILE A 349 7.86 -8.08 -22.34
C ILE A 349 8.02 -6.81 -21.52
N CYS A 350 8.94 -5.95 -21.94
CA CYS A 350 9.25 -4.70 -21.23
C CYS A 350 9.21 -3.56 -22.24
N LEU A 351 8.09 -2.84 -22.27
CA LEU A 351 7.96 -1.65 -23.10
C LEU A 351 7.52 -0.49 -22.24
N PRO A 352 7.88 0.74 -22.62
CA PRO A 352 7.48 1.90 -21.82
C PRO A 352 5.96 2.05 -21.79
N THR A 353 5.52 3.00 -20.98
CA THR A 353 4.09 3.25 -20.84
C THR A 353 3.49 3.75 -22.15
N GLY A 354 2.21 3.46 -22.35
CA GLY A 354 1.54 3.86 -23.57
C GLY A 354 2.15 3.27 -24.83
N SER A 355 2.65 2.05 -24.75
CA SER A 355 3.23 1.35 -25.89
C SER A 355 2.29 0.30 -26.46
N GLY A 356 1.02 0.29 -26.05
CA GLY A 356 0.07 -0.67 -26.55
C GLY A 356 0.23 -2.06 -26.00
N LYS A 357 0.91 -2.22 -24.86
CA LYS A 357 1.11 -3.54 -24.30
C LYS A 357 -0.21 -4.27 -24.14
N THR A 358 -1.27 -3.56 -23.76
CA THR A 358 -2.56 -4.20 -23.60
C THR A 358 -3.05 -4.78 -24.92
N ARG A 359 -2.90 -4.04 -26.02
CA ARG A 359 -3.31 -4.55 -27.31
C ARG A 359 -2.42 -5.71 -27.74
N VAL A 360 -1.14 -5.65 -27.40
CA VAL A 360 -0.27 -6.80 -27.61
C VAL A 360 -0.82 -8.03 -26.91
N ALA A 361 -1.25 -7.85 -25.67
CA ALA A 361 -1.74 -8.97 -24.88
C ALA A 361 -3.02 -9.55 -25.48
N VAL A 362 -3.96 -8.68 -25.86
CA VAL A 362 -5.20 -9.18 -26.43
C VAL A 362 -4.92 -9.93 -27.73
N TYR A 363 -4.02 -9.38 -28.56
CA TYR A 363 -3.69 -10.06 -29.81
C TYR A 363 -3.05 -11.42 -29.55
N ILE A 364 -2.15 -11.48 -28.57
CA ILE A 364 -1.50 -12.75 -28.25
C ILE A 364 -2.53 -13.77 -27.76
N THR A 365 -3.45 -13.33 -26.91
CA THR A 365 -4.50 -14.22 -26.43
C THR A 365 -5.35 -14.73 -27.56
N LYS A 366 -5.72 -13.84 -28.49
CA LYS A 366 -6.52 -14.25 -29.64
C LYS A 366 -5.78 -15.29 -30.46
N ASP A 367 -4.49 -15.06 -30.71
CA ASP A 367 -3.72 -16.02 -31.49
C ASP A 367 -3.64 -17.37 -30.78
N HIS A 368 -3.42 -17.34 -29.47
CA HIS A 368 -3.34 -18.60 -28.72
C HIS A 368 -4.65 -19.35 -28.79
N LEU A 369 -5.77 -18.66 -28.61
CA LEU A 369 -7.07 -19.32 -28.67
C LEU A 369 -7.34 -19.87 -30.07
N ASP A 370 -6.99 -19.11 -31.10
CA ASP A 370 -7.15 -19.62 -32.46
C ASP A 370 -6.33 -20.88 -32.68
N LYS A 371 -5.09 -20.89 -32.21
CA LYS A 371 -4.26 -22.08 -32.36
C LYS A 371 -4.87 -23.26 -31.61
N LYS A 372 -5.42 -23.02 -30.43
CA LYS A 372 -6.10 -24.09 -29.70
C LYS A 372 -7.28 -24.62 -30.50
N LYS A 373 -8.08 -23.72 -31.08
CA LYS A 373 -9.26 -24.15 -31.83
C LYS A 373 -8.87 -24.97 -33.05
N GLN A 374 -7.93 -24.46 -33.85
CA GLN A 374 -7.41 -25.26 -34.96
C GLN A 374 -6.65 -26.48 -34.47
N ALA A 375 -6.22 -26.48 -33.20
CA ALA A 375 -5.56 -27.62 -32.60
C ALA A 375 -6.53 -28.60 -31.95
N SER A 376 -7.82 -28.28 -31.94
CA SER A 376 -8.82 -29.14 -31.30
C SER A 376 -8.45 -29.41 -29.86
N GLU A 377 -7.95 -28.38 -29.18
CA GLU A 377 -7.54 -28.49 -27.78
C GLU A 377 -8.17 -27.37 -26.97
N SER A 378 -8.37 -27.63 -25.68
CA SER A 378 -9.02 -26.65 -24.82
C SER A 378 -8.13 -25.43 -24.64
N GLY A 379 -8.71 -24.26 -24.88
CA GLY A 379 -7.97 -23.01 -24.73
C GLY A 379 -8.47 -22.19 -23.57
N LYS A 380 -7.66 -22.10 -22.51
CA LYS A 380 -8.00 -21.36 -21.31
C LYS A 380 -6.98 -20.27 -21.08
N VAL A 381 -7.45 -19.04 -20.88
CA VAL A 381 -6.62 -17.88 -20.68
C VAL A 381 -7.01 -17.22 -19.38
N ILE A 382 -6.03 -16.90 -18.55
CA ILE A 382 -6.27 -16.18 -17.31
C ILE A 382 -5.32 -15.00 -17.25
N VAL A 383 -5.85 -13.86 -16.81
CA VAL A 383 -5.11 -12.60 -16.71
C VAL A 383 -5.14 -12.15 -15.27
N LEU A 384 -3.96 -11.77 -14.76
CA LEU A 384 -3.79 -11.40 -13.36
C LEU A 384 -3.29 -9.98 -13.27
N VAL A 385 -3.92 -9.21 -12.38
CA VAL A 385 -3.59 -7.81 -12.16
C VAL A 385 -3.59 -7.55 -10.66
N ASN A 386 -2.63 -6.79 -10.19
CA ASN A 386 -2.55 -6.52 -8.75
C ASN A 386 -3.65 -5.58 -8.30
N LYS A 387 -4.01 -4.60 -9.12
CA LYS A 387 -5.04 -3.64 -8.76
C LYS A 387 -6.41 -4.13 -9.19
N VAL A 388 -7.42 -3.81 -8.38
CA VAL A 388 -8.77 -4.22 -8.69
C VAL A 388 -9.31 -3.44 -9.89
N MET A 389 -9.06 -2.14 -9.93
CA MET A 389 -9.63 -1.31 -10.98
C MET A 389 -9.16 -1.77 -12.36
N LEU A 390 -7.88 -2.08 -12.49
CA LEU A 390 -7.34 -2.40 -13.80
C LEU A 390 -8.04 -3.61 -14.42
N ALA A 391 -8.56 -4.52 -13.59
CA ALA A 391 -9.29 -5.66 -14.14
C ALA A 391 -10.48 -5.20 -14.95
N GLU A 392 -11.34 -4.37 -14.34
CA GLU A 392 -12.48 -3.85 -15.06
C GLU A 392 -12.04 -2.92 -16.20
N GLN A 393 -10.91 -2.23 -16.03
CA GLN A 393 -10.42 -1.37 -17.10
C GLN A 393 -10.12 -2.19 -18.34
N LEU A 394 -9.42 -3.32 -18.18
CA LEU A 394 -9.14 -4.17 -19.32
C LEU A 394 -10.41 -4.83 -19.83
N PHE A 395 -11.34 -5.15 -18.95
CA PHE A 395 -12.61 -5.73 -19.39
C PHE A 395 -13.37 -4.75 -20.28
N ARG A 396 -13.32 -3.46 -19.96
CA ARG A 396 -14.12 -2.47 -20.66
C ARG A 396 -13.44 -1.93 -21.91
N LYS A 397 -12.15 -1.66 -21.85
CA LYS A 397 -11.48 -0.87 -22.87
C LYS A 397 -10.78 -1.71 -23.93
N GLU A 398 -10.09 -2.78 -23.53
CA GLU A 398 -9.21 -3.49 -24.45
C GLU A 398 -9.68 -4.90 -24.76
N PHE A 399 -9.89 -5.74 -23.74
CA PHE A 399 -10.12 -7.15 -24.00
C PHE A 399 -11.48 -7.39 -24.62
N ASN A 400 -12.55 -7.04 -23.90
CA ASN A 400 -13.89 -7.34 -24.39
C ASN A 400 -14.18 -6.67 -25.72
N PRO A 401 -13.93 -5.36 -25.90
CA PRO A 401 -14.27 -4.74 -27.19
C PRO A 401 -13.63 -5.43 -28.38
N TYR A 402 -12.38 -5.88 -28.24
CA TYR A 402 -11.67 -6.51 -29.34
C TYR A 402 -11.83 -8.02 -29.40
N LEU A 403 -12.50 -8.62 -28.41
CA LEU A 403 -12.63 -10.07 -28.36
C LEU A 403 -14.04 -10.54 -28.02
N LYS A 404 -15.01 -9.63 -27.97
CA LYS A 404 -16.35 -10.00 -27.52
C LYS A 404 -16.93 -11.12 -28.38
N LYS A 405 -16.84 -10.97 -29.71
CA LYS A 405 -17.60 -11.86 -30.58
C LYS A 405 -16.99 -13.25 -30.65
N TRP A 406 -15.67 -13.36 -30.75
CA TRP A 406 -15.05 -14.66 -30.99
C TRP A 406 -15.28 -15.62 -29.81
N TYR A 407 -15.01 -15.16 -28.60
CA TYR A 407 -15.00 -16.02 -27.43
C TYR A 407 -15.80 -15.40 -26.30
N ARG A 408 -15.88 -16.13 -25.19
CA ARG A 408 -16.60 -15.69 -24.00
C ARG A 408 -15.61 -15.08 -23.02
N ILE A 409 -16.00 -13.96 -22.42
CA ILE A 409 -15.12 -13.16 -21.59
C ILE A 409 -15.85 -12.81 -20.30
N ILE A 410 -15.07 -12.52 -19.27
CA ILE A 410 -15.63 -12.14 -17.97
C ILE A 410 -14.56 -11.42 -17.18
N GLY A 411 -14.98 -10.48 -16.33
CA GLY A 411 -14.08 -9.78 -15.44
C GLY A 411 -14.44 -9.98 -14.00
N LEU A 412 -13.51 -10.51 -13.21
CA LEU A 412 -13.71 -10.80 -11.81
C LEU A 412 -12.93 -9.82 -10.94
N SER A 413 -13.29 -9.79 -9.67
CA SER A 413 -12.62 -8.92 -8.70
C SER A 413 -13.29 -9.15 -7.34
N GLY A 414 -12.64 -8.67 -6.30
CA GLY A 414 -13.26 -8.70 -4.98
C GLY A 414 -14.51 -7.85 -4.92
N ASP A 415 -14.43 -6.62 -5.43
CA ASP A 415 -15.61 -5.75 -5.44
C ASP A 415 -16.73 -6.39 -6.23
N THR A 416 -16.42 -6.91 -7.42
CA THR A 416 -17.39 -7.67 -8.18
C THR A 416 -17.71 -8.96 -7.46
N GLN A 417 -18.94 -9.42 -7.61
CA GLN A 417 -19.35 -10.70 -7.05
C GLN A 417 -19.12 -11.77 -8.11
N LEU A 418 -18.13 -12.64 -7.88
CA LEU A 418 -17.97 -13.83 -8.70
C LEU A 418 -18.99 -14.87 -8.25
N LYS A 419 -20.23 -14.43 -8.17
CA LYS A 419 -21.22 -15.08 -7.33
C LYS A 419 -21.55 -16.49 -7.77
N ILE A 420 -20.96 -17.01 -8.85
CA ILE A 420 -21.12 -18.41 -9.16
C ILE A 420 -20.10 -19.20 -8.36
N SER A 421 -18.84 -19.10 -8.76
CA SER A 421 -17.71 -19.68 -8.06
C SER A 421 -16.50 -19.48 -8.95
N PHE A 422 -15.31 -19.65 -8.44
CA PHE A 422 -14.15 -19.56 -9.32
C PHE A 422 -13.93 -20.87 -10.08
N PRO A 423 -13.96 -22.02 -9.41
CA PRO A 423 -13.48 -23.25 -10.06
C PRO A 423 -14.17 -23.55 -11.38
N GLU A 424 -15.48 -23.32 -11.48
CA GLU A 424 -16.19 -23.67 -12.70
C GLU A 424 -16.23 -22.53 -13.71
N VAL A 425 -16.25 -21.27 -13.24
CA VAL A 425 -16.15 -20.18 -14.19
C VAL A 425 -14.81 -20.23 -14.90
N VAL A 426 -13.81 -20.86 -14.29
CA VAL A 426 -12.57 -21.12 -15.02
C VAL A 426 -12.86 -21.97 -16.26
N LYS A 427 -13.74 -22.95 -16.13
CA LYS A 427 -14.11 -23.84 -17.22
C LYS A 427 -15.47 -23.52 -17.78
N SER A 428 -15.86 -22.25 -17.77
CA SER A 428 -17.16 -21.83 -18.29
C SER A 428 -17.06 -20.72 -19.33
N TYR A 429 -16.01 -19.91 -19.33
CA TYR A 429 -15.90 -18.77 -20.24
C TYR A 429 -14.64 -18.77 -21.08
N ASP A 430 -13.63 -19.57 -20.72
CA ASP A 430 -12.38 -19.69 -21.49
C ASP A 430 -11.50 -18.46 -21.38
N VAL A 431 -11.98 -17.40 -20.73
CA VAL A 431 -11.19 -16.18 -20.57
C VAL A 431 -11.52 -15.56 -19.22
N ILE A 432 -10.52 -15.44 -18.36
CA ILE A 432 -10.68 -14.96 -17.00
C ILE A 432 -9.80 -13.73 -16.83
N ILE A 433 -10.35 -12.70 -16.20
CA ILE A 433 -9.61 -11.49 -15.86
C ILE A 433 -9.86 -11.23 -14.38
N SER A 434 -8.91 -11.58 -13.53
CA SER A 434 -9.17 -11.52 -12.10
C SER A 434 -7.89 -11.14 -11.37
N THR A 435 -8.08 -10.61 -10.17
CA THR A 435 -6.95 -10.33 -9.30
C THR A 435 -6.32 -11.63 -8.84
N ALA A 436 -4.99 -11.60 -8.66
CA ALA A 436 -4.28 -12.81 -8.32
C ALA A 436 -4.76 -13.39 -7.01
N GLN A 437 -5.18 -12.54 -6.08
CA GLN A 437 -5.55 -13.04 -4.74
C GLN A 437 -6.69 -14.04 -4.83
N ILE A 438 -7.62 -13.83 -5.77
CA ILE A 438 -8.74 -14.75 -5.89
C ILE A 438 -8.26 -16.14 -6.29
N LEU A 439 -7.38 -16.21 -7.29
CA LEU A 439 -6.85 -17.49 -7.71
C LEU A 439 -6.03 -18.13 -6.59
N GLU A 440 -5.23 -17.34 -5.90
CA GLU A 440 -4.45 -17.86 -4.78
C GLU A 440 -5.37 -18.46 -3.73
N ASN A 441 -6.45 -17.75 -3.37
CA ASN A 441 -7.39 -18.27 -2.39
C ASN A 441 -8.01 -19.57 -2.88
N SER A 442 -8.35 -19.64 -4.16
CA SER A 442 -8.94 -20.87 -4.68
C SER A 442 -7.97 -22.03 -4.55
N LEU A 443 -6.69 -21.81 -4.87
CA LEU A 443 -5.72 -22.90 -4.76
C LEU A 443 -5.51 -23.31 -3.30
N LEU A 444 -5.47 -22.35 -2.39
CA LEU A 444 -5.33 -22.70 -0.97
C LEU A 444 -6.53 -23.51 -0.51
N ASN A 445 -7.73 -23.13 -0.96
CA ASN A 445 -8.93 -23.91 -0.63
C ASN A 445 -8.81 -25.33 -1.17
N LEU A 446 -8.30 -25.48 -2.39
CA LEU A 446 -8.11 -26.81 -2.94
C LEU A 446 -7.17 -27.63 -2.06
N GLU A 447 -6.04 -27.03 -1.66
CA GLU A 447 -5.09 -27.77 -0.83
C GLU A 447 -5.71 -28.16 0.50
N SER A 448 -6.47 -27.24 1.11
CA SER A 448 -7.17 -27.57 2.35
C SER A 448 -8.23 -28.64 2.13
N GLY A 449 -8.74 -28.77 0.90
CA GLY A 449 -9.75 -29.76 0.61
C GLY A 449 -11.17 -29.36 0.96
N ASP A 450 -11.37 -28.14 1.48
CA ASP A 450 -12.72 -27.71 1.82
C ASP A 450 -13.61 -27.64 0.59
N ASP A 451 -13.09 -27.10 -0.51
CA ASP A 451 -13.82 -26.94 -1.76
C ASP A 451 -13.11 -27.72 -2.85
N ASP A 452 -13.85 -28.04 -3.91
CA ASP A 452 -13.26 -28.74 -5.04
C ASP A 452 -12.03 -28.02 -5.55
N GLY A 453 -12.09 -26.69 -5.61
CA GLY A 453 -10.93 -25.90 -5.97
C GLY A 453 -10.59 -25.98 -7.45
N VAL A 454 -9.38 -25.51 -7.75
CA VAL A 454 -8.90 -25.44 -9.13
C VAL A 454 -7.40 -25.66 -9.13
N GLN A 455 -6.90 -26.16 -10.26
CA GLN A 455 -5.48 -26.39 -10.46
C GLN A 455 -5.02 -25.66 -11.71
N LEU A 456 -3.74 -25.25 -11.71
CA LEU A 456 -3.21 -24.52 -12.86
C LEU A 456 -3.28 -25.36 -14.12
N SER A 457 -3.24 -26.69 -13.99
CA SER A 457 -3.34 -27.55 -15.16
C SER A 457 -4.60 -27.26 -15.94
N ASP A 458 -5.67 -26.84 -15.25
CA ASP A 458 -6.91 -26.51 -15.94
C ASP A 458 -6.73 -25.38 -16.95
N PHE A 459 -5.67 -24.60 -16.82
CA PHE A 459 -5.40 -23.48 -17.69
C PHE A 459 -4.43 -23.87 -18.80
N SER A 460 -4.40 -23.05 -19.84
CA SER A 460 -3.47 -23.21 -20.94
C SER A 460 -2.60 -21.98 -21.17
N LEU A 461 -2.90 -20.86 -20.54
CA LEU A 461 -2.12 -19.64 -20.72
C LEU A 461 -2.38 -18.69 -19.57
N ILE A 462 -1.30 -18.26 -18.93
CA ILE A 462 -1.34 -17.33 -17.81
C ILE A 462 -0.67 -16.05 -18.26
N ILE A 463 -1.30 -14.92 -18.01
CA ILE A 463 -0.77 -13.61 -18.36
C ILE A 463 -0.76 -12.76 -17.11
N ILE A 464 0.37 -12.13 -16.82
CA ILE A 464 0.54 -11.36 -15.60
C ILE A 464 0.94 -9.94 -15.97
N ASP A 465 0.17 -8.97 -15.49
CA ASP A 465 0.55 -7.59 -15.65
C ASP A 465 1.33 -7.10 -14.43
N GLU A 466 2.13 -6.07 -14.63
CA GLU A 466 2.93 -5.48 -13.56
C GLU A 466 3.86 -6.52 -12.95
N CYS A 467 4.67 -7.16 -13.80
CA CYS A 467 5.52 -8.25 -13.36
C CYS A 467 6.54 -7.83 -12.31
N HIS A 468 6.85 -6.53 -12.23
CA HIS A 468 7.87 -6.11 -11.28
C HIS A 468 7.48 -6.42 -9.85
N HIS A 469 6.19 -6.64 -9.57
CA HIS A 469 5.76 -6.96 -8.21
C HIS A 469 6.05 -8.39 -7.81
N THR A 470 6.56 -9.22 -8.71
CA THR A 470 6.94 -10.58 -8.35
C THR A 470 8.20 -10.50 -7.49
N ASN A 471 8.03 -10.59 -6.17
CA ASN A 471 9.09 -10.26 -5.24
C ASN A 471 9.15 -11.34 -4.16
N LYS A 472 9.86 -11.06 -3.06
CA LYS A 472 10.26 -12.09 -2.11
C LYS A 472 9.15 -13.11 -1.84
N GLU A 473 7.99 -12.68 -1.35
CA GLU A 473 6.85 -13.59 -1.30
C GLU A 473 5.56 -12.84 -1.62
N ALA A 474 5.58 -12.01 -2.65
CA ALA A 474 4.36 -11.37 -3.12
C ALA A 474 3.40 -12.42 -3.67
N VAL A 475 2.18 -11.98 -3.96
CA VAL A 475 1.14 -12.91 -4.42
C VAL A 475 1.58 -13.57 -5.73
N TYR A 476 1.96 -12.74 -6.71
CA TYR A 476 2.49 -13.29 -7.94
C TYR A 476 3.59 -14.29 -7.65
N ASN A 477 4.45 -13.97 -6.68
CA ASN A 477 5.54 -14.88 -6.35
C ASN A 477 5.02 -16.19 -5.78
N ASN A 478 3.95 -16.12 -4.98
CA ASN A 478 3.39 -17.36 -4.44
C ASN A 478 2.87 -18.25 -5.56
N ILE A 479 2.12 -17.66 -6.50
CA ILE A 479 1.59 -18.45 -7.60
C ILE A 479 2.72 -19.03 -8.43
N MET A 480 3.74 -18.22 -8.71
CA MET A 480 4.86 -18.70 -9.50
C MET A 480 5.65 -19.76 -8.75
N ARG A 481 5.75 -19.67 -7.43
CA ARG A 481 6.45 -20.71 -6.68
C ARG A 481 5.70 -22.02 -6.76
N ARG A 482 4.38 -21.97 -6.66
CA ARG A 482 3.60 -23.20 -6.88
C ARG A 482 3.86 -23.76 -8.28
N TYR A 483 3.81 -22.88 -9.27
CA TYR A 483 4.04 -23.31 -10.65
C TYR A 483 5.42 -23.92 -10.82
N LEU A 484 6.43 -23.32 -10.18
CA LEU A 484 7.79 -23.79 -10.34
C LEU A 484 8.03 -25.09 -9.60
N LYS A 485 7.37 -25.30 -8.46
CA LYS A 485 7.43 -26.62 -7.83
C LYS A 485 6.84 -27.67 -8.75
N GLN A 486 5.72 -27.35 -9.40
CA GLN A 486 5.16 -28.29 -10.37
C GLN A 486 6.14 -28.53 -11.52
N LYS A 487 6.80 -27.47 -11.98
CA LYS A 487 7.74 -27.60 -13.09
C LYS A 487 8.92 -28.48 -12.71
N LEU A 488 9.45 -28.31 -11.50
CA LEU A 488 10.55 -29.16 -11.05
C LEU A 488 10.10 -30.61 -10.93
N ARG A 489 8.89 -30.84 -10.42
CA ARG A 489 8.38 -32.20 -10.38
C ARG A 489 8.30 -32.79 -11.77
N ASN A 490 7.82 -32.01 -12.74
CA ASN A 490 7.71 -32.50 -14.10
C ASN A 490 9.09 -32.84 -14.68
N ASN A 491 10.09 -32.00 -14.41
CA ASN A 491 11.44 -32.29 -14.88
C ASN A 491 11.97 -33.59 -14.26
N ASP A 492 11.78 -33.74 -12.95
CA ASP A 492 12.23 -34.95 -12.29
C ASP A 492 11.56 -36.17 -12.88
N LEU A 493 10.26 -36.09 -13.15
CA LEU A 493 9.57 -37.20 -13.81
C LEU A 493 10.13 -37.44 -15.20
N LYS A 494 10.39 -36.37 -15.95
CA LYS A 494 10.94 -36.52 -17.29
C LYS A 494 12.16 -37.41 -17.26
N LYS A 495 13.03 -37.21 -16.27
CA LYS A 495 14.12 -38.17 -16.11
C LYS A 495 13.63 -39.52 -15.60
N GLN A 496 12.60 -39.53 -14.76
CA GLN A 496 12.14 -40.75 -14.12
C GLN A 496 10.99 -41.42 -14.89
N ASN A 497 9.88 -40.70 -15.05
CA ASN A 497 8.68 -41.25 -15.68
C ASN A 497 8.22 -40.30 -16.78
N LYS A 498 7.90 -40.87 -17.95
CA LYS A 498 7.44 -40.07 -19.08
C LYS A 498 6.21 -39.23 -18.74
N PRO A 499 5.17 -39.77 -18.12
CA PRO A 499 3.99 -38.94 -17.84
C PRO A 499 4.35 -37.74 -16.98
N ALA A 500 3.72 -36.60 -17.29
CA ALA A 500 3.98 -35.37 -16.56
C ALA A 500 2.75 -34.47 -16.68
N ILE A 501 2.55 -33.64 -15.66
CA ILE A 501 1.42 -32.73 -15.64
C ILE A 501 1.71 -31.58 -16.60
N PRO A 502 0.85 -31.32 -17.59
CA PRO A 502 1.09 -30.19 -18.49
C PRO A 502 1.03 -28.87 -17.74
N LEU A 503 1.83 -27.91 -18.21
CA LEU A 503 1.95 -26.61 -17.58
C LEU A 503 1.58 -25.51 -18.56
N PRO A 504 0.68 -24.61 -18.22
CA PRO A 504 0.30 -23.57 -19.18
C PRO A 504 1.44 -22.62 -19.47
N GLN A 505 1.40 -22.04 -20.66
CA GLN A 505 2.36 -21.01 -21.04
C GLN A 505 2.23 -19.81 -20.10
N ILE A 506 3.30 -19.03 -20.00
CA ILE A 506 3.34 -17.86 -19.12
C ILE A 506 3.84 -16.66 -19.89
N LEU A 507 3.12 -15.55 -19.77
CA LEU A 507 3.50 -14.29 -20.36
C LEU A 507 3.49 -13.21 -19.27
N GLY A 508 4.49 -12.36 -19.31
CA GLY A 508 4.60 -11.25 -18.37
C GLY A 508 4.66 -9.94 -19.12
N LEU A 509 4.02 -8.92 -18.56
CA LEU A 509 4.04 -7.58 -19.13
C LEU A 509 4.53 -6.59 -18.09
N THR A 510 5.40 -5.68 -18.50
CA THR A 510 5.89 -4.66 -17.58
C THR A 510 6.56 -3.56 -18.40
N ALA A 511 7.00 -2.53 -17.72
CA ALA A 511 7.76 -1.45 -18.31
C ALA A 511 9.07 -1.19 -17.59
N SER A 512 9.08 -1.29 -16.26
CA SER A 512 10.26 -1.04 -15.44
C SER A 512 10.44 -2.22 -14.49
N PRO A 513 11.11 -3.28 -14.93
CA PRO A 513 11.27 -4.45 -14.05
C PRO A 513 11.84 -4.10 -12.69
N GLY A 514 12.80 -3.19 -12.65
CA GLY A 514 13.31 -2.67 -11.41
C GLY A 514 14.54 -3.41 -10.91
N VAL A 515 15.12 -2.84 -9.86
CA VAL A 515 16.34 -3.34 -9.26
C VAL A 515 16.12 -3.47 -7.76
N GLY A 516 16.54 -4.60 -7.21
CA GLY A 516 16.38 -4.83 -5.79
C GLY A 516 17.47 -4.15 -4.98
N ALA A 517 17.64 -2.85 -5.20
CA ALA A 517 18.67 -2.07 -4.50
C ALA A 517 20.04 -2.73 -4.67
N ALA A 518 20.49 -2.76 -5.92
CA ALA A 518 21.77 -3.36 -6.29
C ALA A 518 22.77 -2.25 -6.56
N LYS A 519 23.96 -2.36 -5.96
CA LYS A 519 25.02 -1.40 -6.23
C LYS A 519 25.88 -1.82 -7.41
N LYS A 520 26.31 -3.08 -7.44
CA LYS A 520 27.08 -3.59 -8.56
C LYS A 520 26.15 -4.00 -9.69
N GLN A 521 26.55 -3.65 -10.92
CA GLN A 521 25.76 -4.06 -12.07
C GLN A 521 25.57 -5.56 -12.10
N SER A 522 26.56 -6.32 -11.59
CA SER A 522 26.38 -7.76 -11.48
C SER A 522 25.18 -8.08 -10.60
N GLU A 523 25.03 -7.35 -9.49
CA GLU A 523 23.88 -7.60 -8.61
C GLU A 523 22.57 -7.17 -9.28
N ALA A 524 22.60 -6.10 -10.08
CA ALA A 524 21.39 -5.71 -10.80
C ALA A 524 20.99 -6.82 -11.77
N GLU A 525 21.95 -7.37 -12.50
CA GLU A 525 21.64 -8.49 -13.38
C GLU A 525 21.18 -9.69 -12.59
N LYS A 526 21.71 -9.89 -11.39
CA LYS A 526 21.24 -10.97 -10.54
C LYS A 526 19.77 -10.76 -10.19
N HIS A 527 19.39 -9.53 -9.88
CA HIS A 527 17.98 -9.24 -9.59
C HIS A 527 17.12 -9.50 -10.81
N ILE A 528 17.58 -9.08 -11.99
CA ILE A 528 16.83 -9.31 -13.21
C ILE A 528 16.65 -10.81 -13.45
N LEU A 529 17.71 -11.58 -13.23
CA LEU A 529 17.62 -13.02 -13.42
C LEU A 529 16.69 -13.64 -12.39
N ASN A 530 16.68 -13.12 -11.17
CA ASN A 530 15.74 -13.61 -10.17
C ASN A 530 14.30 -13.36 -10.62
N ILE A 531 14.04 -12.17 -11.16
CA ILE A 531 12.72 -11.88 -11.69
C ILE A 531 12.36 -12.87 -12.80
N CYS A 532 13.28 -13.06 -13.75
CA CYS A 532 13.00 -13.96 -14.86
C CYS A 532 12.73 -15.37 -14.37
N ALA A 533 13.53 -15.85 -13.42
CA ALA A 533 13.35 -17.20 -12.91
C ALA A 533 12.00 -17.33 -12.20
N ASN A 534 11.63 -16.34 -11.40
CA ASN A 534 10.31 -16.36 -10.79
C ASN A 534 9.22 -16.42 -11.86
N LEU A 535 9.41 -15.70 -12.95
CA LEU A 535 8.44 -15.71 -14.04
C LEU A 535 8.74 -16.75 -15.11
N ASP A 536 9.86 -17.44 -15.03
CA ASP A 536 10.20 -18.47 -16.01
C ASP A 536 10.15 -17.91 -17.43
N ALA A 537 10.67 -16.68 -17.57
CA ALA A 537 10.53 -15.99 -18.85
C ALA A 537 11.48 -16.55 -19.91
N PHE A 538 12.71 -16.86 -19.53
CA PHE A 538 13.73 -17.36 -20.46
C PHE A 538 14.20 -16.32 -21.45
N THR A 539 13.58 -15.13 -21.48
CA THR A 539 14.01 -14.04 -22.33
C THR A 539 13.43 -12.75 -21.76
N ILE A 540 13.76 -11.63 -22.42
CA ILE A 540 13.14 -10.33 -22.18
C ILE A 540 12.47 -9.81 -23.44
N LYS A 541 13.16 -9.89 -24.57
CA LYS A 541 12.63 -9.48 -25.86
C LYS A 541 12.15 -8.02 -25.84
N THR A 542 13.11 -7.12 -25.65
CA THR A 542 12.83 -5.70 -25.77
C THR A 542 13.07 -5.27 -27.21
N VAL A 543 12.36 -4.23 -27.62
CA VAL A 543 12.47 -3.74 -29.00
C VAL A 543 13.86 -3.18 -29.23
N LYS A 544 14.46 -3.54 -30.37
CA LYS A 544 15.80 -3.07 -30.70
C LYS A 544 15.85 -2.51 -32.12
N GLU A 545 14.96 -2.98 -32.99
CA GLU A 545 14.98 -2.56 -34.39
C GLU A 545 14.18 -1.27 -34.59
N ASN A 546 12.90 -1.29 -34.25
CA ASN A 546 12.02 -0.16 -34.45
C ASN A 546 12.03 0.80 -33.28
N LEU A 547 13.07 0.76 -32.45
CA LEU A 547 13.11 1.63 -31.27
C LEU A 547 12.97 3.09 -31.67
N GLY A 548 13.48 3.46 -32.84
CA GLY A 548 13.32 4.82 -33.31
C GLY A 548 11.86 5.22 -33.42
N GLN A 549 11.02 4.29 -33.90
CA GLN A 549 9.60 4.61 -34.04
C GLN A 549 8.98 4.90 -32.68
N LEU A 550 9.31 4.09 -31.66
CA LEU A 550 8.80 4.37 -30.33
C LEU A 550 9.31 5.70 -29.81
N LYS A 551 10.59 6.00 -30.05
CA LYS A 551 11.13 7.29 -29.62
C LYS A 551 10.37 8.44 -30.28
N HIS A 552 10.02 8.29 -31.56
CA HIS A 552 9.24 9.32 -32.23
C HIS A 552 7.84 9.43 -31.64
N GLN A 553 7.18 8.29 -31.40
CA GLN A 553 5.79 8.32 -30.95
C GLN A 553 5.69 8.78 -29.50
N ILE A 554 6.64 8.39 -28.66
CA ILE A 554 6.66 8.76 -27.25
C ILE A 554 7.61 9.93 -27.08
N LYS A 555 7.17 10.93 -26.33
CA LYS A 555 7.98 12.10 -25.99
C LYS A 555 8.16 12.16 -24.48
N GLU A 556 9.41 12.10 -24.03
CA GLU A 556 9.66 12.13 -22.59
C GLU A 556 9.42 13.53 -22.04
N PRO A 557 8.90 13.65 -20.82
CA PRO A 557 8.70 14.98 -20.23
C PRO A 557 10.03 15.68 -19.98
N CYS A 558 9.98 17.01 -20.00
CA CYS A 558 11.16 17.79 -19.65
C CYS A 558 11.36 17.78 -18.15
N LYS A 559 12.60 17.50 -17.74
CA LYS A 559 12.97 17.42 -16.34
C LYS A 559 13.09 18.81 -15.73
N LYS A 560 12.53 18.97 -14.53
CA LYS A 560 12.64 20.24 -13.82
C LYS A 560 12.86 19.97 -12.33
N PHE A 561 13.87 20.62 -11.76
CA PHE A 561 14.17 20.54 -10.35
C PHE A 561 13.78 21.84 -9.67
N VAL A 562 13.26 21.74 -8.45
CA VAL A 562 12.90 22.89 -7.64
C VAL A 562 13.31 22.61 -6.21
N ILE A 563 13.87 23.61 -5.54
CA ILE A 563 14.38 23.47 -4.18
C ILE A 563 13.88 24.62 -3.35
N ALA A 564 13.98 24.46 -2.03
CA ALA A 564 13.53 25.48 -1.10
C ALA A 564 14.29 25.34 0.21
N ASP A 565 14.24 26.39 1.01
CA ASP A 565 14.87 26.42 2.33
C ASP A 565 13.88 26.96 3.34
N ASP A 566 13.89 26.39 4.54
CA ASP A 566 13.00 26.81 5.62
C ASP A 566 13.65 27.86 6.51
N THR A 567 14.12 28.96 5.89
CA THR A 567 14.75 30.02 6.67
C THR A 567 13.73 30.78 7.51
N ARG A 568 12.54 31.00 6.96
CA ARG A 568 11.50 31.78 7.63
C ARG A 568 10.80 30.90 8.67
N GLU A 569 9.67 31.37 9.19
CA GLU A 569 8.87 30.67 10.19
C GLU A 569 9.48 30.77 11.58
N ASN A 570 10.41 31.70 11.78
CA ASN A 570 11.14 31.77 13.04
C ASN A 570 10.23 32.00 14.24
N PRO A 571 9.28 32.94 14.22
CA PRO A 571 8.55 33.26 15.47
C PRO A 571 7.78 32.09 16.06
N PHE A 572 6.86 31.51 15.28
CA PHE A 572 6.02 30.46 15.82
C PHE A 572 6.79 29.17 16.03
N LYS A 573 7.77 28.88 15.18
CA LYS A 573 8.64 27.73 15.43
C LYS A 573 9.38 27.91 16.74
N GLU A 574 9.88 29.11 17.01
CA GLU A 574 10.59 29.36 18.26
C GLU A 574 9.67 29.20 19.45
N LYS A 575 8.45 29.72 19.36
CA LYS A 575 7.51 29.56 20.47
C LYS A 575 7.17 28.09 20.70
N LEU A 576 6.96 27.35 19.62
CA LEU A 576 6.66 25.92 19.74
C LEU A 576 7.84 25.17 20.35
N LEU A 577 9.06 25.55 19.97
CA LEU A 577 10.23 24.91 20.55
C LEU A 577 10.43 25.31 22.01
N GLU A 578 10.01 26.52 22.37
CA GLU A 578 10.08 26.93 23.78
C GLU A 578 9.15 26.07 24.62
N ILE A 579 7.90 25.91 24.18
CA ILE A 579 6.99 25.03 24.92
C ILE A 579 7.49 23.60 24.87
N MET A 580 8.11 23.21 23.76
CA MET A 580 8.75 21.90 23.64
C MET A 580 9.76 21.67 24.76
N ALA A 581 10.68 22.62 24.92
CA ALA A 581 11.69 22.50 25.96
C ALA A 581 11.05 22.51 27.34
N SER A 582 10.04 23.37 27.54
CA SER A 582 9.38 23.44 28.83
C SER A 582 8.80 22.09 29.21
N ILE A 583 8.03 21.48 28.30
CA ILE A 583 7.41 20.20 28.60
C ILE A 583 8.48 19.14 28.81
N GLN A 584 9.52 19.15 27.97
CA GLN A 584 10.57 18.14 28.11
C GLN A 584 11.21 18.21 29.49
N THR A 585 11.60 19.41 29.91
CA THR A 585 12.20 19.56 31.22
C THR A 585 11.23 19.20 32.33
N TYR A 586 9.95 19.50 32.14
CA TYR A 586 8.96 19.11 33.14
C TYR A 586 8.91 17.60 33.30
N CYS A 587 8.99 16.87 32.19
CA CYS A 587 9.02 15.41 32.21
C CYS A 587 10.44 14.86 32.16
N GLN A 588 11.45 15.72 32.18
CA GLN A 588 12.85 15.34 32.26
C GLN A 588 13.17 14.18 31.32
N LYS A 589 12.97 14.44 30.04
CA LYS A 589 13.23 13.46 28.99
C LYS A 589 14.52 13.82 28.28
N SER A 590 15.50 12.93 28.35
CA SER A 590 16.72 13.10 27.56
C SER A 590 16.35 12.90 26.09
N PRO A 591 16.51 13.89 25.23
CA PRO A 591 16.05 13.73 23.85
C PRO A 591 16.75 12.59 23.13
N MET A 592 18.02 12.35 23.44
CA MET A 592 18.80 11.28 22.85
C MET A 592 18.87 11.39 21.33
N SER A 593 18.49 12.54 20.79
CA SER A 593 18.45 12.74 19.34
C SER A 593 18.09 14.19 19.07
N ASP A 594 18.06 14.56 17.78
CA ASP A 594 17.68 15.90 17.37
C ASP A 594 16.17 15.98 17.19
N PHE A 595 15.62 17.19 17.35
CA PHE A 595 14.20 17.40 17.26
C PHE A 595 13.74 17.48 15.81
N GLY A 596 12.55 16.93 15.54
CA GLY A 596 11.99 16.94 14.20
C GLY A 596 12.53 15.83 13.34
N THR A 597 12.59 14.61 13.88
CA THR A 597 13.15 13.48 13.14
C THR A 597 12.45 12.21 13.58
N GLN A 598 12.57 11.18 12.73
CA GLN A 598 11.95 9.90 13.02
C GLN A 598 12.63 9.20 14.19
N HIS A 599 13.92 9.45 14.39
CA HIS A 599 14.62 8.85 15.52
C HIS A 599 13.98 9.31 16.83
N TYR A 600 13.59 10.58 16.90
CA TYR A 600 12.94 11.08 18.11
C TYR A 600 11.62 10.37 18.34
N GLU A 601 10.84 10.15 17.28
CA GLU A 601 9.58 9.43 17.43
C GLU A 601 9.82 8.01 17.90
N GLN A 602 10.86 7.35 17.37
CA GLN A 602 11.20 6.01 17.82
C GLN A 602 11.57 6.02 19.30
N TRP A 603 12.33 7.03 19.73
CA TRP A 603 12.67 7.14 21.15
C TRP A 603 11.41 7.35 21.98
N ALA A 604 10.48 8.15 21.48
CA ALA A 604 9.22 8.37 22.20
C ALA A 604 8.46 7.06 22.36
N ILE A 605 8.46 6.25 21.31
CA ILE A 605 7.78 4.96 21.39
C ILE A 605 8.49 4.03 22.36
N GLN A 606 9.82 4.08 22.38
CA GLN A 606 10.56 3.30 23.35
C GLN A 606 10.20 3.72 24.77
N MET A 607 10.04 5.02 24.99
CA MET A 607 9.62 5.49 26.31
C MET A 607 8.20 5.04 26.63
N GLU A 608 7.32 5.03 25.62
CA GLU A 608 5.99 4.45 25.80
C GLU A 608 6.10 3.02 26.31
N LYS A 609 6.93 2.22 25.64
CA LYS A 609 7.08 0.82 26.02
C LYS A 609 7.66 0.69 27.42
N LYS A 610 8.65 1.53 27.76
CA LYS A 610 9.23 1.48 29.10
C LYS A 610 8.19 1.83 30.15
N ALA A 611 7.39 2.86 29.90
CA ALA A 611 6.33 3.22 30.84
C ALA A 611 5.35 2.08 31.00
N ALA A 612 5.04 1.38 29.91
CA ALA A 612 4.18 0.21 30.00
C ALA A 612 4.81 -0.86 30.88
N LYS A 613 6.12 -1.08 30.73
CA LYS A 613 6.80 -2.08 31.54
C LYS A 613 6.98 -1.63 32.98
N ASP A 614 6.79 -0.34 33.28
CA ASP A 614 6.89 0.16 34.64
C ASP A 614 5.57 0.59 35.23
N GLY A 615 4.59 0.93 34.42
CA GLY A 615 3.28 1.30 34.93
C GLY A 615 3.18 2.70 35.48
N ASN A 616 3.99 3.62 34.99
CA ASN A 616 3.97 5.00 35.46
C ASN A 616 3.37 5.92 34.39
N ARG A 617 2.84 7.04 34.85
CA ARG A 617 2.34 8.08 33.97
C ARG A 617 3.46 9.08 33.71
N LYS A 618 3.11 10.24 33.13
CA LYS A 618 4.04 11.31 32.81
C LYS A 618 5.04 10.91 31.74
N ASP A 619 4.92 9.72 31.17
CA ASP A 619 5.88 9.23 30.18
C ASP A 619 5.26 8.99 28.82
N ARG A 620 3.96 8.72 28.74
CA ARG A 620 3.30 8.41 27.48
C ARG A 620 2.46 9.56 26.94
N VAL A 621 1.67 10.22 27.80
CA VAL A 621 0.89 11.37 27.34
C VAL A 621 1.82 12.44 26.80
N CYS A 622 2.91 12.72 27.52
CA CYS A 622 3.89 13.67 27.03
C CYS A 622 4.52 13.18 25.74
N ALA A 623 4.81 11.89 25.65
CA ALA A 623 5.40 11.35 24.42
C ALA A 623 4.46 11.54 23.24
N GLU A 624 3.17 11.26 23.43
CA GLU A 624 2.21 11.44 22.34
C GLU A 624 2.08 12.90 21.95
N HIS A 625 2.06 13.80 22.94
CA HIS A 625 1.99 15.23 22.62
C HIS A 625 3.23 15.68 21.87
N LEU A 626 4.40 15.20 22.28
CA LEU A 626 5.63 15.50 21.56
C LEU A 626 5.56 14.99 20.13
N ARG A 627 5.02 13.78 19.95
CA ARG A 627 4.86 13.22 18.62
C ARG A 627 3.96 14.09 17.76
N LYS A 628 2.84 14.55 18.31
CA LYS A 628 1.93 15.40 17.57
C LYS A 628 2.61 16.70 17.17
N TYR A 629 3.35 17.30 18.11
CA TYR A 629 4.10 18.51 17.77
C TYR A 629 5.11 18.24 16.67
N ASN A 630 5.78 17.10 16.74
CA ASN A 630 6.80 16.76 15.75
C ASN A 630 6.19 16.63 14.36
N GLU A 631 5.09 15.88 14.26
CA GLU A 631 4.45 15.70 12.95
C GLU A 631 3.88 17.02 12.44
N ALA A 632 3.34 17.84 13.34
CA ALA A 632 2.88 19.17 12.95
C ALA A 632 4.04 19.96 12.35
N LEU A 633 5.18 19.97 13.03
CA LEU A 633 6.34 20.69 12.50
C LEU A 633 6.74 20.14 11.14
N GLN A 634 6.76 18.82 11.01
CA GLN A 634 7.18 18.21 9.75
C GLN A 634 6.27 18.65 8.60
N ILE A 635 4.96 18.66 8.84
CA ILE A 635 4.05 19.09 7.79
C ILE A 635 4.18 20.58 7.53
N ASN A 636 4.51 21.37 8.56
CA ASN A 636 4.65 22.80 8.38
C ASN A 636 5.70 23.11 7.32
N ASP A 637 6.79 22.35 7.29
CA ASP A 637 7.79 22.52 6.25
C ASP A 637 7.20 22.29 4.87
N THR A 638 6.10 21.55 4.78
CA THR A 638 5.47 21.24 3.51
C THR A 638 3.97 21.55 3.48
N ILE A 639 3.40 22.03 4.57
CA ILE A 639 1.97 22.35 4.65
C ILE A 639 1.80 23.65 5.42
N ARG A 640 0.69 24.34 5.12
CA ARG A 640 0.40 25.59 5.81
C ARG A 640 0.11 25.33 7.29
N MET A 641 0.47 26.32 8.11
CA MET A 641 0.35 26.15 9.55
C MET A 641 -1.11 25.97 9.99
N ILE A 642 -2.07 26.44 9.21
CA ILE A 642 -3.48 26.33 9.61
C ILE A 642 -3.86 24.87 9.79
N ASP A 643 -3.40 24.01 8.88
CA ASP A 643 -3.73 22.60 8.97
C ASP A 643 -3.14 21.96 10.22
N ALA A 644 -1.88 22.28 10.53
CA ALA A 644 -1.26 21.74 11.74
C ALA A 644 -1.99 22.22 12.99
N TYR A 645 -2.35 23.50 13.03
CA TYR A 645 -3.06 24.01 14.19
C TYR A 645 -4.41 23.33 14.34
N SER A 646 -5.13 23.14 13.23
CA SER A 646 -6.41 22.47 13.30
C SER A 646 -6.26 21.03 13.77
N HIS A 647 -5.22 20.33 13.30
CA HIS A 647 -4.98 18.97 13.75
C HIS A 647 -4.74 18.94 15.25
N LEU A 648 -3.86 19.81 15.75
CA LEU A 648 -3.58 19.85 17.18
C LEU A 648 -4.83 20.18 17.98
N GLU A 649 -5.60 21.17 17.51
CA GLU A 649 -6.81 21.57 18.22
C GLU A 649 -7.82 20.42 18.28
N THR A 650 -7.99 19.70 17.17
CA THR A 650 -8.91 18.58 17.18
C THR A 650 -8.44 17.50 18.15
N PHE A 651 -7.14 17.22 18.16
CA PHE A 651 -6.62 16.21 19.09
C PHE A 651 -6.89 16.62 20.54
N TYR A 652 -6.62 17.88 20.88
CA TYR A 652 -6.80 18.31 22.25
C TYR A 652 -8.28 18.39 22.63
N THR A 653 -9.15 18.77 21.68
CA THR A 653 -10.57 18.76 21.95
C THR A 653 -11.07 17.34 22.22
N ASP A 654 -10.57 16.37 21.45
CA ASP A 654 -10.93 14.98 21.71
C ASP A 654 -10.46 14.54 23.10
N GLU A 655 -9.23 14.90 23.45
CA GLU A 655 -8.73 14.59 24.79
C GLU A 655 -9.62 15.20 25.86
N LYS A 656 -10.01 16.46 25.68
CA LYS A 656 -10.82 17.14 26.69
C LYS A 656 -12.20 16.54 26.79
N GLU A 657 -12.78 16.12 25.66
CA GLU A 657 -14.06 15.41 25.71
C GLU A 657 -13.91 14.11 26.50
N LYS A 658 -12.82 13.39 26.28
CA LYS A 658 -12.56 12.18 27.06
C LYS A 658 -12.51 12.51 28.55
N LYS A 659 -11.77 13.55 28.92
CA LYS A 659 -11.62 13.89 30.33
C LYS A 659 -12.96 14.31 30.93
N PHE A 660 -13.75 15.06 30.17
CA PHE A 660 -15.05 15.48 30.67
C PHE A 660 -15.97 14.29 30.88
N ALA A 661 -15.95 13.31 29.97
CA ALA A 661 -16.78 12.13 30.17
C ALA A 661 -16.35 11.36 31.41
N VAL A 662 -15.05 11.08 31.53
CA VAL A 662 -14.57 10.33 32.69
C VAL A 662 -14.97 11.04 33.98
N LEU A 663 -14.80 12.36 34.03
CA LEU A 663 -15.19 13.10 35.22
C LEU A 663 -16.70 13.09 35.41
N ASN A 664 -17.46 13.09 34.31
CA ASN A 664 -18.91 13.09 34.41
C ASN A 664 -19.41 11.85 35.12
N ASP A 665 -18.80 10.69 34.83
CA ASP A 665 -19.20 9.49 35.56
C ASP A 665 -18.96 9.66 37.06
N SER A 666 -17.82 10.22 37.43
CA SER A 666 -17.45 10.40 38.83
C SER A 666 -17.61 9.10 39.61
N ASP A 673 -3.83 13.40 36.11
CA ASP A 673 -2.78 13.73 37.06
C ASP A 673 -2.19 15.10 36.74
N GLU A 674 -1.62 15.75 37.77
CA GLU A 674 -1.19 17.14 37.69
C GLU A 674 -0.49 17.46 36.37
N THR A 675 0.20 16.49 35.78
CA THR A 675 0.88 16.73 34.52
C THR A 675 -0.11 16.92 33.39
N ASP A 676 -1.20 16.15 33.39
CA ASP A 676 -2.23 16.35 32.38
C ASP A 676 -2.84 17.74 32.49
N GLU A 677 -3.16 18.17 33.72
CA GLU A 677 -3.68 19.52 33.91
C GLU A 677 -2.65 20.54 33.44
N PHE A 678 -1.37 20.30 33.73
CA PHE A 678 -0.33 21.19 33.26
C PHE A 678 -0.37 21.34 31.74
N LEU A 679 -0.44 20.21 31.04
CA LEU A 679 -0.45 20.25 29.57
C LEU A 679 -1.67 21.00 29.06
N MET A 680 -2.86 20.61 29.52
CA MET A 680 -4.08 21.23 29.02
C MET A 680 -4.12 22.71 29.34
N ASN A 681 -3.72 23.10 30.55
CA ASN A 681 -3.76 24.51 30.92
C ASN A 681 -2.70 25.31 30.19
N LEU A 682 -1.52 24.72 29.96
CA LEU A 682 -0.53 25.40 29.14
C LEU A 682 -1.08 25.69 27.75
N PHE A 683 -1.67 24.67 27.12
CA PHE A 683 -2.22 24.89 25.78
C PHE A 683 -3.37 25.88 25.83
N PHE A 684 -4.23 25.80 26.83
CA PHE A 684 -5.36 26.72 26.90
C PHE A 684 -4.90 28.15 27.12
N ASP A 685 -3.94 28.36 28.03
CA ASP A 685 -3.44 29.70 28.30
C ASP A 685 -2.79 30.30 27.07
N ASN A 686 -1.99 29.52 26.36
CA ASN A 686 -1.31 30.05 25.19
C ASN A 686 -2.09 29.82 23.90
N LYS A 687 -3.31 29.32 23.97
CA LYS A 687 -4.06 29.02 22.76
C LYS A 687 -4.29 30.28 21.93
N LYS A 688 -4.75 31.35 22.59
CA LYS A 688 -5.04 32.58 21.86
C LYS A 688 -3.77 33.16 21.24
N MET A 689 -2.69 33.23 22.01
CA MET A 689 -1.45 33.79 21.49
C MET A 689 -0.84 32.91 20.41
N LEU A 690 -0.97 31.58 20.55
CA LEU A 690 -0.49 30.68 19.51
C LEU A 690 -1.27 30.86 18.23
N LYS A 691 -2.59 31.04 18.33
CA LYS A 691 -3.40 31.30 17.15
C LYS A 691 -2.99 32.62 16.49
N LYS A 692 -2.81 33.67 17.31
CA LYS A 692 -2.41 34.96 16.75
C LYS A 692 -1.02 34.88 16.12
N LEU A 693 -0.12 34.09 16.72
CA LEU A 693 1.24 33.97 16.22
C LEU A 693 1.30 33.13 14.94
N ALA A 694 0.44 32.12 14.83
CA ALA A 694 0.38 31.32 13.62
C ALA A 694 -0.31 32.08 12.49
N GLU A 695 -1.30 32.91 12.81
CA GLU A 695 -2.01 33.63 11.77
C GLU A 695 -1.09 34.57 11.01
N ASN A 696 -0.05 35.09 11.66
CA ASN A 696 0.83 36.04 11.03
C ASN A 696 1.69 35.35 9.97
N PRO A 697 2.11 36.07 8.94
CA PRO A 697 3.10 35.52 8.01
C PRO A 697 4.43 35.28 8.70
N LYS A 698 5.21 34.37 8.13
CA LYS A 698 6.53 34.01 8.66
C LYS A 698 6.40 33.32 10.02
N GLU A 702 8.45 29.94 1.93
CA GLU A 702 7.51 28.82 1.91
C GLU A 702 7.48 28.18 0.53
N LYS A 703 7.45 26.84 0.50
CA LYS A 703 7.36 26.15 -0.78
C LYS A 703 6.04 26.46 -1.49
N LEU A 704 5.01 26.78 -0.72
CA LEU A 704 3.68 26.96 -1.31
C LEU A 704 3.66 28.13 -2.28
N ILE A 705 4.33 29.23 -1.95
CA ILE A 705 4.26 30.40 -2.82
C ILE A 705 4.93 30.10 -4.16
N LYS A 706 6.08 29.45 -4.15
CA LYS A 706 6.75 29.13 -5.40
C LYS A 706 6.00 28.06 -6.17
N LEU A 707 5.39 27.10 -5.47
CA LEU A 707 4.56 26.11 -6.15
C LEU A 707 3.40 26.80 -6.87
N ARG A 708 2.76 27.74 -6.19
CA ARG A 708 1.68 28.50 -6.82
C ARG A 708 2.17 29.27 -8.02
N ASN A 709 3.33 29.92 -7.88
CA ASN A 709 3.90 30.65 -9.01
C ASN A 709 4.10 29.73 -10.20
N THR A 710 4.73 28.58 -9.98
CA THR A 710 5.04 27.67 -11.08
C THR A 710 3.76 27.14 -11.72
N ILE A 711 2.80 26.71 -10.88
CA ILE A 711 1.59 26.10 -11.43
C ILE A 711 0.81 27.12 -12.25
N LEU A 712 0.68 28.34 -11.73
CA LEU A 712 -0.11 29.34 -12.45
C LEU A 712 0.58 29.79 -13.73
N GLU A 713 1.89 30.03 -13.67
CA GLU A 713 2.59 30.42 -14.89
C GLU A 713 2.52 29.32 -15.94
N GLN A 714 2.64 28.06 -15.51
CA GLN A 714 2.50 26.95 -16.45
C GLN A 714 1.10 26.92 -17.05
N PHE A 715 0.07 27.16 -16.22
CA PHE A 715 -1.29 27.15 -16.75
C PHE A 715 -1.50 28.27 -17.76
N THR A 716 -0.94 29.45 -17.48
CA THR A 716 -1.03 30.54 -18.46
C THR A 716 -0.30 30.15 -19.75
N ARG A 717 0.84 29.49 -19.62
CA ARG A 717 1.59 29.07 -20.80
C ARG A 717 0.82 28.02 -21.60
N SER A 718 0.04 27.18 -20.93
CA SER A 718 -0.68 26.10 -21.60
C SER A 718 -2.05 26.52 -22.11
N GLU A 719 -2.70 27.46 -21.44
CA GLU A 719 -4.02 27.92 -21.86
C GLU A 719 -5.02 26.77 -21.83
N ARG A 723 -4.43 19.27 -17.91
CA ARG A 723 -4.44 18.38 -16.76
C ARG A 723 -3.25 18.63 -15.85
N GLY A 724 -3.35 18.18 -14.61
CA GLY A 724 -2.26 18.31 -13.66
C GLY A 724 -2.34 17.28 -12.54
N ILE A 725 -1.20 16.76 -12.12
CA ILE A 725 -1.13 15.71 -11.10
C ILE A 725 -0.11 16.10 -10.05
N ILE A 726 -0.45 15.90 -8.78
CA ILE A 726 0.43 16.19 -7.66
C ILE A 726 0.60 14.92 -6.85
N PHE A 727 1.85 14.59 -6.52
CA PHE A 727 2.19 13.43 -5.72
C PHE A 727 2.76 13.91 -4.40
N THR A 728 2.28 13.35 -3.29
CA THR A 728 2.71 13.76 -1.96
C THR A 728 2.86 12.52 -1.10
N LYS A 729 3.03 12.75 0.21
CA LYS A 729 3.32 11.69 1.16
C LYS A 729 2.06 11.17 1.85
N THR A 730 1.30 12.06 2.49
CA THR A 730 0.16 11.67 3.30
C THR A 730 -1.12 12.31 2.77
N ARG A 731 -2.24 11.66 3.05
CA ARG A 731 -3.52 12.09 2.50
C ARG A 731 -3.89 13.49 2.98
N GLN A 732 -3.72 13.77 4.27
CA GLN A 732 -4.06 15.10 4.77
C GLN A 732 -3.29 16.17 4.02
N SER A 733 -2.11 15.83 3.49
CA SER A 733 -1.41 16.78 2.62
C SER A 733 -2.22 17.04 1.35
N THR A 734 -2.80 16.01 0.76
CA THR A 734 -3.64 16.21 -0.41
C THR A 734 -4.84 17.07 -0.07
N TYR A 735 -5.46 16.82 1.08
CA TYR A 735 -6.60 17.64 1.49
C TYR A 735 -6.19 19.10 1.69
N ALA A 736 -5.04 19.32 2.32
CA ALA A 736 -4.56 20.69 2.49
C ALA A 736 -4.30 21.36 1.15
N LEU A 737 -3.74 20.62 0.20
CA LEU A 737 -3.51 21.19 -1.12
C LEU A 737 -4.83 21.55 -1.81
N SER A 738 -5.82 20.68 -1.71
CA SER A 738 -7.13 20.99 -2.28
C SER A 738 -7.72 22.24 -1.64
N GLN A 739 -7.61 22.35 -0.31
CA GLN A 739 -8.11 23.53 0.37
C GLN A 739 -7.36 24.78 -0.08
N TRP A 740 -6.05 24.68 -0.23
CA TRP A 740 -5.24 25.82 -0.67
C TRP A 740 -5.66 26.29 -2.06
N ILE A 741 -5.84 25.34 -2.97
CA ILE A 741 -6.16 25.70 -4.35
C ILE A 741 -7.58 26.24 -4.46
N MET A 742 -8.51 25.71 -3.67
CA MET A 742 -9.88 26.25 -3.66
C MET A 742 -9.89 27.66 -3.08
N GLU A 743 -9.27 27.84 -1.90
CA GLU A 743 -9.37 29.10 -1.19
C GLU A 743 -8.75 30.24 -1.98
N ASN A 744 -7.56 30.02 -2.53
CA ASN A 744 -6.86 31.09 -3.23
C ASN A 744 -7.66 31.55 -4.43
N ALA A 745 -7.74 32.87 -4.60
CA ALA A 745 -8.52 33.45 -5.69
C ALA A 745 -7.79 33.41 -7.03
N LYS A 746 -6.47 33.30 -7.04
CA LYS A 746 -5.74 33.29 -8.31
C LYS A 746 -6.13 32.07 -9.14
N PHE A 747 -6.25 30.91 -8.50
CA PHE A 747 -6.67 29.72 -9.23
C PHE A 747 -8.09 29.87 -9.78
N ALA A 748 -8.97 30.51 -9.00
CA ALA A 748 -10.30 30.80 -9.50
C ALA A 748 -10.23 31.70 -10.73
N GLU A 749 -9.35 32.71 -10.70
CA GLU A 749 -9.18 33.57 -11.86
C GLU A 749 -8.72 32.76 -13.07
N VAL A 750 -7.77 31.84 -12.86
CA VAL A 750 -7.36 30.95 -13.94
C VAL A 750 -8.50 30.01 -14.31
N GLY A 751 -9.29 29.60 -13.32
CA GLY A 751 -10.38 28.69 -13.56
C GLY A 751 -10.01 27.22 -13.55
N VAL A 752 -8.85 26.87 -13.00
CA VAL A 752 -8.40 25.48 -12.98
C VAL A 752 -9.31 24.68 -12.05
N LYS A 753 -9.76 23.52 -12.53
CA LYS A 753 -10.54 22.61 -11.72
C LYS A 753 -9.62 21.62 -11.01
N ALA A 754 -9.97 21.27 -9.78
CA ALA A 754 -9.13 20.41 -8.97
C ALA A 754 -9.99 19.56 -8.04
N HIS A 755 -9.41 18.46 -7.58
CA HIS A 755 -10.05 17.59 -6.62
C HIS A 755 -8.97 16.74 -5.96
N HIS A 756 -9.26 16.29 -4.74
CA HIS A 756 -8.32 15.48 -3.97
C HIS A 756 -8.66 14.00 -4.11
N LEU A 757 -7.66 13.20 -4.43
CA LEU A 757 -7.78 11.75 -4.49
C LEU A 757 -6.75 11.12 -3.55
N ILE A 758 -7.15 10.05 -2.89
CA ILE A 758 -6.27 9.36 -1.95
C ILE A 758 -6.52 7.86 -2.02
N GLY A 759 -5.77 7.10 -1.22
CA GLY A 759 -5.95 5.66 -1.16
C GLY A 759 -7.08 5.25 -0.25
N ALA A 760 -7.35 3.95 -0.24
CA ALA A 760 -8.42 3.37 0.55
C ALA A 760 -7.85 2.69 1.80
N GLY A 761 -8.75 2.34 2.71
CA GLY A 761 -8.38 1.61 3.91
C GLY A 761 -8.08 2.54 5.08
N HIS A 762 -7.85 1.92 6.23
CA HIS A 762 -7.57 2.63 7.47
C HIS A 762 -6.07 2.59 7.73
N SER A 763 -5.47 3.77 7.89
CA SER A 763 -4.03 3.94 8.00
C SER A 763 -3.67 4.88 9.14
N SER A 764 -4.18 4.58 10.33
CA SER A 764 -3.78 5.31 11.55
C SER A 764 -4.21 6.77 11.47
N GLU A 765 -5.52 6.97 11.59
CA GLU A 765 -6.14 8.30 11.73
C GLU A 765 -6.19 9.04 10.39
N VAL A 766 -6.45 8.32 9.32
CA VAL A 766 -6.83 8.92 8.05
C VAL A 766 -8.10 8.23 7.57
N LYS A 767 -9.09 9.03 7.16
CA LYS A 767 -10.38 8.46 6.82
C LYS A 767 -10.22 7.50 5.64
N PRO A 768 -10.65 6.24 5.76
CA PRO A 768 -10.62 5.36 4.59
C PRO A 768 -11.50 5.91 3.47
N MET A 769 -11.06 5.68 2.24
CA MET A 769 -11.77 6.12 1.05
C MET A 769 -12.32 4.92 0.30
N THR A 770 -13.55 5.05 -0.19
CA THR A 770 -14.23 3.93 -0.84
C THR A 770 -13.79 3.78 -2.28
N GLN A 771 -13.68 2.52 -2.72
CA GLN A 771 -13.24 2.25 -4.09
C GLN A 771 -14.13 2.94 -5.11
N THR A 772 -15.44 2.89 -4.90
CA THR A 772 -16.36 3.52 -5.84
C THR A 772 -16.10 5.02 -5.92
N GLU A 773 -15.78 5.65 -4.79
CA GLU A 773 -15.50 7.07 -4.80
C GLU A 773 -14.30 7.38 -5.68
N GLN A 774 -13.20 6.65 -5.47
CA GLN A 774 -12.05 6.78 -6.36
C GLN A 774 -12.45 6.57 -7.81
N LYS A 775 -13.39 5.66 -8.05
CA LYS A 775 -13.77 5.35 -9.43
C LYS A 775 -14.45 6.55 -10.09
N GLU A 776 -15.39 7.19 -9.40
CA GLU A 776 -16.02 8.33 -10.04
C GLU A 776 -15.04 9.50 -10.13
N VAL A 777 -14.08 9.59 -9.21
CA VAL A 777 -13.07 10.65 -9.33
C VAL A 777 -12.25 10.44 -10.60
N ILE A 778 -11.80 9.21 -10.85
CA ILE A 778 -11.00 8.96 -12.03
C ILE A 778 -11.83 9.17 -13.29
N SER A 779 -13.10 8.76 -13.26
CA SER A 779 -13.96 8.99 -14.43
C SER A 779 -14.14 10.48 -14.70
N LYS A 780 -14.38 11.27 -13.65
CA LYS A 780 -14.59 12.69 -13.81
C LYS A 780 -13.34 13.36 -14.38
N PHE A 781 -12.16 12.96 -13.89
CA PHE A 781 -10.92 13.48 -14.46
C PHE A 781 -10.77 13.04 -15.92
N ARG A 782 -11.13 11.80 -16.22
CA ARG A 782 -10.95 11.28 -17.57
C ARG A 782 -11.79 12.07 -18.57
N THR A 783 -13.03 12.40 -18.22
CA THR A 783 -13.90 13.09 -19.15
C THR A 783 -13.55 14.57 -19.31
N GLY A 784 -12.90 15.19 -18.32
CA GLY A 784 -12.39 16.54 -18.50
C GLY A 784 -12.75 17.52 -17.40
N GLU A 785 -13.76 17.22 -16.59
CA GLU A 785 -14.22 18.20 -15.61
C GLU A 785 -13.13 18.56 -14.62
N ILE A 786 -12.37 17.58 -14.16
CA ILE A 786 -11.24 17.82 -13.26
C ILE A 786 -10.01 18.08 -14.13
N ASN A 787 -9.45 19.28 -14.02
CA ASN A 787 -8.20 19.62 -14.67
C ASN A 787 -6.99 19.43 -13.77
N LEU A 788 -7.18 18.99 -12.54
CA LEU A 788 -6.08 18.80 -11.60
C LEU A 788 -6.45 17.70 -10.62
N LEU A 789 -5.61 16.67 -10.55
CA LEU A 789 -5.89 15.48 -9.74
C LEU A 789 -4.76 15.30 -8.72
N ILE A 790 -5.09 15.45 -7.45
CA ILE A 790 -4.13 15.24 -6.36
C ILE A 790 -4.26 13.79 -5.92
N ALA A 791 -3.16 13.04 -5.96
CA ALA A 791 -3.19 11.61 -5.67
C ALA A 791 -1.93 11.19 -4.93
N THR A 792 -2.05 10.12 -4.15
CA THR A 792 -0.92 9.52 -3.47
C THR A 792 -0.33 8.41 -4.34
N THR A 793 0.53 7.57 -3.75
CA THR A 793 1.24 6.56 -4.52
C THR A 793 0.31 5.68 -5.34
N VAL A 794 -0.99 5.67 -5.03
CA VAL A 794 -1.91 4.84 -5.78
C VAL A 794 -1.90 5.22 -7.24
N ALA A 795 -2.02 6.52 -7.53
CA ALA A 795 -2.00 6.97 -8.91
C ALA A 795 -0.63 6.80 -9.57
N GLU A 796 0.43 6.67 -8.77
CA GLU A 796 1.75 6.49 -9.34
C GLU A 796 1.81 5.21 -10.18
N GLU A 797 1.16 4.15 -9.70
CA GLU A 797 1.11 2.87 -10.38
C GLU A 797 -0.29 2.66 -10.96
N GLY A 798 -0.36 2.12 -12.16
CA GLY A 798 -1.66 1.91 -12.78
C GLY A 798 -2.42 3.21 -12.90
N LEU A 799 -3.72 3.16 -12.61
CA LEU A 799 -4.58 4.34 -12.72
C LEU A 799 -4.37 5.03 -14.07
N ASP A 800 -4.44 4.24 -15.13
CA ASP A 800 -4.08 4.72 -16.45
C ASP A 800 -4.99 5.86 -16.90
N ILE A 801 -4.41 6.81 -17.63
CA ILE A 801 -5.14 7.94 -18.20
C ILE A 801 -4.65 8.14 -19.62
N LYS A 802 -5.56 8.55 -20.50
CA LYS A 802 -5.20 8.75 -21.91
C LYS A 802 -4.06 9.73 -22.05
N GLU A 803 -4.19 10.91 -21.45
CA GLU A 803 -3.15 11.92 -21.54
C GLU A 803 -3.18 12.80 -20.30
N CYS A 804 -2.00 13.06 -19.74
CA CYS A 804 -1.83 13.97 -18.61
C CYS A 804 -0.72 14.94 -18.99
N ASN A 805 -1.10 16.18 -19.30
CA ASN A 805 -0.14 17.14 -19.83
C ASN A 805 0.97 17.43 -18.83
N ILE A 806 0.63 17.59 -17.56
CA ILE A 806 1.55 18.09 -16.54
C ILE A 806 1.69 17.03 -15.46
N VAL A 807 2.93 16.74 -15.07
CA VAL A 807 3.17 15.80 -13.97
C VAL A 807 4.18 16.44 -13.02
N ILE A 808 3.72 16.79 -11.83
CA ILE A 808 4.54 17.48 -10.85
C ILE A 808 4.49 16.71 -9.54
N ARG A 809 5.66 16.42 -8.99
CA ARG A 809 5.80 15.75 -7.71
C ARG A 809 6.19 16.76 -6.64
N TYR A 810 5.66 16.55 -5.45
CA TYR A 810 5.79 17.51 -4.35
C TYR A 810 6.32 16.77 -3.13
N GLY A 811 7.63 16.76 -2.97
CA GLY A 811 8.23 16.15 -1.79
C GLY A 811 7.93 14.68 -1.66
N LEU A 812 7.97 13.94 -2.77
CA LEU A 812 7.69 12.50 -2.75
C LEU A 812 8.69 11.80 -3.67
N VAL A 813 9.69 11.16 -3.07
CA VAL A 813 10.62 10.30 -3.80
C VAL A 813 10.81 9.04 -2.98
N THR A 814 10.43 7.89 -3.54
CA THR A 814 10.45 6.63 -2.82
C THR A 814 11.37 5.60 -3.46
N ASN A 815 11.19 5.31 -4.74
CA ASN A 815 11.93 4.25 -5.40
C ASN A 815 11.92 4.50 -6.90
N GLU A 816 12.82 3.81 -7.61
CA GLU A 816 12.97 4.07 -9.04
C GLU A 816 11.68 3.75 -9.79
N ILE A 817 10.98 2.70 -9.37
CA ILE A 817 9.76 2.29 -10.08
C ILE A 817 8.69 3.36 -9.94
N ALA A 818 8.50 3.88 -8.74
CA ALA A 818 7.50 4.92 -8.55
C ALA A 818 7.82 6.13 -9.43
N MET A 819 9.08 6.56 -9.41
CA MET A 819 9.46 7.74 -10.19
C MET A 819 9.26 7.51 -11.67
N VAL A 820 9.72 6.37 -12.18
CA VAL A 820 9.65 6.12 -13.62
C VAL A 820 8.20 5.98 -14.07
N GLN A 821 7.37 5.27 -13.29
CA GLN A 821 5.97 5.13 -13.66
C GLN A 821 5.25 6.47 -13.61
N ALA A 822 5.56 7.30 -12.61
CA ALA A 822 4.95 8.62 -12.56
C ALA A 822 5.37 9.45 -13.77
N ARG A 823 6.64 9.36 -14.15
CA ARG A 823 7.12 10.10 -15.32
C ARG A 823 6.43 9.64 -16.59
N GLY A 824 6.27 8.32 -16.76
CA GLY A 824 5.60 7.82 -17.94
C GLY A 824 4.10 8.00 -17.94
N ARG A 825 3.50 8.30 -16.79
CA ARG A 825 2.06 8.46 -16.72
C ARG A 825 1.56 9.69 -17.46
N ALA A 826 2.45 10.62 -17.82
CA ALA A 826 2.02 11.82 -18.53
C ALA A 826 1.41 11.46 -19.88
N ARG A 827 2.13 10.69 -20.68
CA ARG A 827 1.65 10.22 -21.99
C ARG A 827 1.19 11.36 -22.88
N ALA A 828 1.57 12.60 -22.58
CA ALA A 828 1.16 13.74 -23.37
C ALA A 828 2.19 14.06 -24.43
N ASP A 829 1.73 14.67 -25.52
CA ASP A 829 2.64 15.06 -26.60
C ASP A 829 3.71 15.99 -26.08
N GLU A 830 3.32 17.00 -25.32
CA GLU A 830 4.25 17.87 -24.61
C GLU A 830 3.98 17.72 -23.12
N SER A 831 5.04 17.43 -22.36
CA SER A 831 4.91 17.15 -20.94
C SER A 831 5.91 17.96 -20.15
N THR A 832 5.54 18.30 -18.92
CA THR A 832 6.40 19.01 -18.00
C THR A 832 6.47 18.18 -16.72
N TYR A 833 7.63 17.60 -16.45
CA TYR A 833 7.87 16.84 -15.23
C TYR A 833 8.62 17.72 -14.26
N VAL A 834 8.00 18.02 -13.11
CA VAL A 834 8.59 18.92 -12.13
C VAL A 834 8.73 18.18 -10.81
N LEU A 835 9.78 18.49 -10.07
CA LEU A 835 9.96 17.98 -8.72
C LEU A 835 10.16 19.16 -7.77
N VAL A 836 9.47 19.15 -6.64
CA VAL A 836 9.56 20.22 -5.66
C VAL A 836 9.86 19.61 -4.30
N THR A 837 10.80 20.19 -3.58
CA THR A 837 11.21 19.69 -2.26
C THR A 837 12.13 20.72 -1.61
N SER A 838 12.61 20.38 -0.42
CA SER A 838 13.50 21.26 0.32
C SER A 838 14.95 20.94 -0.01
N SER A 839 15.76 22.00 -0.12
CA SER A 839 17.18 21.81 -0.42
C SER A 839 17.88 21.05 0.69
N GLY A 840 17.59 21.39 1.94
CA GLY A 840 18.24 20.70 3.05
C GLY A 840 17.99 19.21 3.05
N SER A 841 16.75 18.81 2.77
CA SER A 841 16.41 17.39 2.73
C SER A 841 17.07 16.71 1.54
N GLY A 842 17.37 15.43 1.70
CA GLY A 842 17.97 14.63 0.66
C GLY A 842 16.94 14.07 -0.30
N VAL A 843 16.43 14.90 -1.20
CA VAL A 843 15.37 14.52 -2.13
C VAL A 843 15.83 14.61 -3.58
N THR A 844 16.48 15.71 -3.96
CA THR A 844 17.04 15.80 -5.31
C THR A 844 18.03 14.67 -5.55
N GLU A 845 18.83 14.35 -4.53
CA GLU A 845 19.73 13.22 -4.63
C GLU A 845 18.95 11.95 -4.94
N ARG A 846 17.81 11.74 -4.27
CA ARG A 846 17.02 10.55 -4.52
C ARG A 846 16.49 10.53 -5.95
N GLU A 847 16.06 11.67 -6.47
CA GLU A 847 15.57 11.73 -7.84
C GLU A 847 16.67 11.34 -8.83
N ILE A 848 17.86 11.90 -8.66
CA ILE A 848 18.94 11.52 -9.57
C ILE A 848 19.34 10.07 -9.36
N VAL A 849 19.17 9.54 -8.14
CA VAL A 849 19.44 8.13 -7.89
C VAL A 849 18.49 7.27 -8.70
N ASN A 850 17.21 7.64 -8.72
CA ASN A 850 16.24 6.90 -9.51
C ASN A 850 16.56 7.00 -11.00
N ASP A 851 17.00 8.18 -11.45
CA ASP A 851 17.40 8.31 -12.86
C ASP A 851 18.56 7.36 -13.18
N PHE A 852 19.57 7.34 -12.31
CA PHE A 852 20.68 6.42 -12.50
C PHE A 852 20.21 4.98 -12.44
N ARG A 853 19.22 4.69 -11.61
CA ARG A 853 18.69 3.34 -11.53
C ARG A 853 18.03 2.95 -12.85
N GLU A 854 17.33 3.88 -13.48
CA GLU A 854 16.78 3.61 -14.80
C GLU A 854 17.89 3.32 -15.81
N LYS A 855 18.94 4.14 -15.77
CA LYS A 855 20.08 3.91 -16.66
C LYS A 855 20.69 2.54 -16.42
N MET A 856 20.84 2.17 -15.14
CA MET A 856 21.42 0.89 -14.79
C MET A 856 20.51 -0.26 -15.19
N MET A 857 19.19 -0.06 -15.08
CA MET A 857 18.25 -1.06 -15.53
C MET A 857 18.42 -1.34 -17.01
N TYR A 858 18.58 -0.29 -17.81
CA TYR A 858 18.86 -0.49 -19.23
C TYR A 858 20.21 -1.19 -19.42
N LYS A 859 21.23 -0.75 -18.70
CA LYS A 859 22.56 -1.33 -18.85
C LYS A 859 22.56 -2.80 -18.49
N ALA A 860 21.66 -3.23 -17.62
CA ALA A 860 21.60 -4.64 -17.23
C ALA A 860 20.65 -5.44 -18.11
N ILE A 861 19.57 -4.81 -18.59
CA ILE A 861 18.62 -5.53 -19.43
C ILE A 861 19.26 -5.86 -20.76
N ASN A 862 19.97 -4.91 -21.36
CA ASN A 862 20.68 -5.21 -22.60
C ASN A 862 21.71 -6.30 -22.39
N ARG A 863 22.35 -6.31 -21.21
CA ARG A 863 23.34 -7.34 -20.91
C ARG A 863 22.69 -8.72 -20.84
N VAL A 864 21.63 -8.85 -20.06
CA VAL A 864 21.00 -10.15 -19.89
C VAL A 864 20.40 -10.64 -21.20
N GLN A 865 19.86 -9.72 -22.01
CA GLN A 865 19.32 -10.14 -23.31
C GLN A 865 20.39 -10.82 -24.16
N ASN A 866 21.67 -10.55 -23.89
CA ASN A 866 22.78 -11.16 -24.60
C ASN A 866 23.53 -12.03 -23.60
N MET A 867 23.15 -13.31 -23.54
CA MET A 867 23.76 -14.25 -22.63
C MET A 867 23.72 -15.64 -23.25
N LYS A 868 24.61 -16.51 -22.77
CA LYS A 868 24.69 -17.85 -23.34
C LYS A 868 23.49 -18.67 -22.87
N PRO A 869 22.75 -19.29 -23.79
CA PRO A 869 21.52 -19.97 -23.37
C PRO A 869 21.75 -21.03 -22.31
N GLU A 870 22.83 -21.80 -22.39
CA GLU A 870 23.04 -22.86 -21.42
C GLU A 870 23.29 -22.31 -20.03
N GLU A 871 24.27 -21.41 -19.90
CA GLU A 871 24.53 -20.80 -18.61
C GLU A 871 23.32 -20.02 -18.12
N TYR A 872 22.61 -19.38 -19.04
CA TYR A 872 21.39 -18.67 -18.69
C TYR A 872 20.42 -19.61 -18.00
N ALA A 873 19.96 -20.64 -18.73
CA ALA A 873 19.02 -21.59 -18.16
C ALA A 873 19.55 -22.18 -16.86
N HIS A 874 20.85 -22.36 -16.75
CA HIS A 874 21.43 -22.83 -15.49
C HIS A 874 21.14 -21.85 -14.37
N LYS A 875 21.35 -20.56 -14.62
CA LYS A 875 21.07 -19.55 -13.61
C LYS A 875 19.60 -19.52 -13.24
N ILE A 876 18.72 -19.59 -14.25
CA ILE A 876 17.29 -19.61 -13.97
C ILE A 876 16.96 -20.81 -13.07
N LEU A 877 17.53 -21.97 -13.38
CA LEU A 877 17.25 -23.16 -12.58
C LEU A 877 17.73 -22.97 -11.15
N GLU A 878 18.94 -22.42 -10.98
CA GLU A 878 19.46 -22.21 -9.64
C GLU A 878 18.55 -21.31 -8.84
N LEU A 879 18.13 -20.18 -9.44
CA LEU A 879 17.26 -19.26 -8.73
C LEU A 879 15.92 -19.89 -8.40
N GLN A 880 15.34 -20.63 -9.35
CA GLN A 880 14.06 -21.28 -9.11
C GLN A 880 14.15 -22.24 -7.94
N VAL A 881 15.16 -23.12 -7.95
CA VAL A 881 15.27 -24.11 -6.89
C VAL A 881 15.54 -23.44 -5.56
N GLN A 882 16.36 -22.39 -5.57
CA GLN A 882 16.62 -21.67 -4.33
C GLN A 882 15.35 -21.06 -3.77
N SER A 883 14.53 -20.45 -4.63
CA SER A 883 13.29 -19.83 -4.16
C SER A 883 12.35 -20.88 -3.59
N ILE A 884 12.22 -22.02 -4.28
CA ILE A 884 11.32 -23.07 -3.79
C ILE A 884 11.79 -23.57 -2.44
N LEU A 885 13.10 -23.83 -2.32
CA LEU A 885 13.63 -24.31 -1.06
C LEU A 885 13.40 -23.31 0.05
N GLU A 886 13.64 -22.02 -0.23
CA GLU A 886 13.44 -21.00 0.79
C GLU A 886 11.99 -20.94 1.24
N LYS A 887 11.05 -21.03 0.30
CA LYS A 887 9.65 -21.02 0.67
C LYS A 887 9.32 -22.23 1.54
N LYS A 888 9.90 -23.38 1.22
CA LYS A 888 9.63 -24.58 2.01
C LYS A 888 10.15 -24.43 3.43
N MET A 889 11.37 -23.90 3.59
CA MET A 889 11.86 -23.70 4.94
C MET A 889 11.04 -22.64 5.67
N LYS A 890 10.57 -21.62 4.95
CA LYS A 890 9.78 -20.59 5.58
C LYS A 890 8.46 -21.15 6.10
N VAL A 891 7.81 -22.02 5.32
CA VAL A 891 6.58 -22.64 5.80
C VAL A 891 6.87 -23.54 7.00
N LYS A 892 8.00 -24.26 6.95
CA LYS A 892 8.36 -25.11 8.09
C LYS A 892 8.55 -24.28 9.36
N ARG A 893 9.20 -23.13 9.25
CA ARG A 893 9.45 -22.33 10.43
C ARG A 893 8.20 -21.59 10.89
N SER A 894 7.30 -21.27 9.95
CA SER A 894 6.02 -20.70 10.34
C SER A 894 5.19 -21.71 11.12
N ILE A 895 5.20 -22.98 10.71
CA ILE A 895 4.49 -23.99 11.48
C ILE A 895 5.16 -24.22 12.83
N ALA A 896 6.49 -24.23 12.86
CA ALA A 896 7.20 -24.50 14.10
C ALA A 896 7.19 -23.31 15.06
N LYS A 897 6.83 -22.11 14.61
CA LYS A 897 6.90 -20.94 15.47
C LYS A 897 5.67 -20.82 16.36
N GLN A 898 4.49 -21.17 15.85
CA GLN A 898 3.23 -21.02 16.56
C GLN A 898 2.78 -22.42 17.00
N TYR A 899 3.13 -22.78 18.23
CA TYR A 899 2.78 -24.10 18.74
C TYR A 899 2.27 -24.13 20.17
N ASN A 900 2.36 -23.03 20.92
CA ASN A 900 1.99 -23.07 22.33
C ASN A 900 0.48 -23.19 22.50
N ASP A 901 -0.26 -22.18 22.06
CA ASP A 901 -1.73 -22.18 22.10
C ASP A 901 -2.25 -22.72 23.43
N ASN A 902 -1.88 -22.02 24.52
CA ASN A 902 -2.34 -22.42 25.83
C ASN A 902 -3.69 -21.77 26.15
N PRO A 903 -4.52 -22.44 26.97
CA PRO A 903 -5.88 -21.94 27.20
C PRO A 903 -5.96 -20.62 27.95
N SER A 904 -5.36 -20.58 29.14
CA SER A 904 -5.44 -19.39 29.98
C SER A 904 -4.27 -19.43 30.97
N LEU A 905 -3.28 -18.55 30.75
CA LEU A 905 -2.10 -18.53 31.61
C LEU A 905 -1.69 -17.10 31.97
N ILE A 906 -2.54 -16.11 31.76
CA ILE A 906 -2.16 -14.71 31.84
C ILE A 906 -3.22 -13.93 32.60
N THR A 907 -2.91 -12.66 32.83
CA THR A 907 -3.85 -11.69 33.40
C THR A 907 -3.67 -10.39 32.64
N LEU A 908 -4.76 -9.86 32.12
CA LEU A 908 -4.71 -8.66 31.31
C LEU A 908 -5.01 -7.44 32.16
N LEU A 909 -4.16 -6.42 32.08
CA LEU A 909 -4.31 -5.20 32.86
C LEU A 909 -4.40 -4.01 31.92
N CYS A 910 -4.90 -2.90 32.46
CA CYS A 910 -4.92 -1.65 31.71
C CYS A 910 -3.52 -1.05 31.70
N LYS A 911 -3.03 -0.73 30.51
CA LYS A 911 -1.66 -0.23 30.39
C LYS A 911 -1.48 1.06 31.17
N ASN A 912 -2.42 1.99 31.05
CA ASN A 912 -2.28 3.29 31.70
C ASN A 912 -2.31 3.16 33.22
N CYS A 913 -3.32 2.47 33.74
CA CYS A 913 -3.42 2.20 35.18
C CYS A 913 -3.28 0.70 35.39
N SER A 914 -2.23 0.29 36.08
CA SER A 914 -1.92 -1.13 36.26
C SER A 914 -2.91 -1.71 37.25
N MET A 915 -4.09 -2.06 36.72
CA MET A 915 -5.13 -2.70 37.50
C MET A 915 -5.59 -3.96 36.79
N LEU A 916 -6.08 -4.92 37.57
CA LEU A 916 -6.54 -6.18 37.01
C LEU A 916 -7.83 -5.94 36.24
N VAL A 917 -7.74 -5.99 34.92
CA VAL A 917 -8.90 -5.74 34.07
C VAL A 917 -9.63 -7.03 33.73
N CYS A 918 -8.89 -8.06 33.34
CA CYS A 918 -9.49 -9.33 32.97
C CYS A 918 -8.56 -10.46 33.33
N SER A 919 -9.11 -11.66 33.41
CA SER A 919 -8.34 -12.87 33.69
C SER A 919 -7.92 -13.51 32.36
N GLY A 920 -7.29 -14.67 32.44
CA GLY A 920 -6.86 -15.40 31.27
C GLY A 920 -7.91 -16.26 30.62
N GLU A 921 -9.09 -16.36 31.22
CA GLU A 921 -10.16 -17.21 30.71
C GLU A 921 -11.50 -16.52 30.58
N ASN A 922 -11.74 -15.42 31.30
CA ASN A 922 -13.02 -14.74 31.22
C ASN A 922 -13.29 -14.20 29.81
N ILE A 923 -12.25 -14.03 29.00
CA ILE A 923 -12.44 -13.53 27.64
C ILE A 923 -12.98 -14.64 26.75
N HIS A 924 -13.74 -14.25 25.73
CA HIS A 924 -14.31 -15.19 24.78
C HIS A 924 -14.14 -14.65 23.36
N VAL A 925 -14.11 -15.58 22.41
CA VAL A 925 -13.83 -15.27 21.01
C VAL A 925 -15.11 -15.44 20.21
N VAL A 926 -15.26 -14.62 19.17
CA VAL A 926 -16.41 -14.67 18.29
C VAL A 926 -15.98 -14.46 16.85
N GLU A 927 -16.66 -15.14 15.93
CA GLU A 927 -16.36 -15.07 14.50
C GLU A 927 -14.92 -15.48 14.22
N LYS A 928 -14.27 -16.10 15.19
CA LYS A 928 -12.88 -16.55 15.05
C LYS A 928 -11.95 -15.37 14.78
N MET A 929 -12.44 -14.15 14.96
CA MET A 929 -11.55 -13.00 14.80
C MET A 929 -11.60 -12.02 15.97
N HIS A 930 -12.75 -11.84 16.60
CA HIS A 930 -12.92 -10.82 17.62
C HIS A 930 -12.92 -11.42 19.02
N HIS A 931 -12.64 -10.55 20.00
CA HIS A 931 -12.57 -10.93 21.40
C HIS A 931 -13.52 -10.03 22.18
N VAL A 932 -13.98 -10.53 23.33
CA VAL A 932 -14.95 -9.78 24.13
C VAL A 932 -15.00 -10.37 25.53
N ASN A 933 -15.37 -9.52 26.49
CA ASN A 933 -15.65 -9.94 27.86
C ASN A 933 -17.14 -9.77 28.13
N MET A 934 -17.78 -10.82 28.64
CA MET A 934 -19.22 -10.81 28.85
C MET A 934 -19.63 -10.71 30.32
N THR A 935 -18.74 -11.01 31.24
CA THR A 935 -19.11 -11.00 32.65
C THR A 935 -19.47 -9.58 33.08
N PRO A 936 -20.57 -9.38 33.80
CA PRO A 936 -20.92 -8.02 34.23
C PRO A 936 -19.89 -7.40 35.15
N GLU A 937 -19.11 -8.22 35.86
CA GLU A 937 -18.03 -7.67 36.68
C GLU A 937 -17.13 -6.78 35.85
N PHE A 938 -16.89 -7.16 34.60
CA PHE A 938 -16.14 -6.29 33.69
C PHE A 938 -16.95 -5.04 33.34
N LYS A 939 -18.27 -5.18 33.23
CA LYS A 939 -19.11 -4.01 32.96
C LYS A 939 -19.05 -3.01 34.10
N GLY A 940 -18.81 -3.48 35.32
CA GLY A 940 -18.69 -2.60 36.46
C GLY A 940 -17.37 -1.90 36.58
N LEU A 941 -16.45 -2.14 35.65
CA LEU A 941 -15.12 -1.56 35.68
C LEU A 941 -14.94 -0.43 34.68
N TYR A 942 -15.23 -0.67 33.40
CA TYR A 942 -15.00 0.33 32.37
C TYR A 942 -16.19 1.28 32.27
N ILE A 943 -16.08 2.24 31.35
CA ILE A 943 -17.11 3.24 31.12
C ILE A 943 -17.40 3.29 29.63
N VAL A 944 -18.67 3.36 29.29
CA VAL A 944 -19.10 3.46 27.90
C VAL A 944 -19.16 4.92 27.51
N ARG A 945 -18.73 5.23 26.29
CA ARG A 945 -18.77 6.59 25.79
C ARG A 945 -19.15 6.55 24.32
N GLU A 946 -19.96 7.52 23.90
CA GLU A 946 -20.38 7.63 22.51
C GLU A 946 -20.53 9.10 22.18
N ASN A 947 -19.83 9.54 21.14
CA ASN A 947 -19.92 10.92 20.69
C ASN A 947 -19.68 10.94 19.19
N LYS A 948 -20.67 11.42 18.44
CA LYS A 948 -20.59 11.46 16.99
C LYS A 948 -21.60 12.45 16.44
N THR A 959 -21.92 3.54 13.56
CA THR A 959 -22.89 3.88 14.60
C THR A 959 -22.67 3.01 15.83
N ASN A 960 -21.42 2.71 16.13
CA ASN A 960 -21.04 1.90 17.27
C ASN A 960 -20.27 2.76 18.27
N GLY A 961 -20.65 2.66 19.54
CA GLY A 961 -19.98 3.42 20.57
C GLY A 961 -18.62 2.85 20.89
N GLU A 962 -17.88 3.58 21.74
CA GLU A 962 -16.54 3.17 22.14
C GLU A 962 -16.47 3.05 23.65
N ILE A 963 -15.38 2.42 24.10
CA ILE A 963 -15.17 2.13 25.52
C ILE A 963 -13.97 2.93 26.00
N ILE A 964 -14.01 3.33 27.27
CA ILE A 964 -12.91 4.04 27.90
C ILE A 964 -12.73 3.48 29.31
N CYS A 965 -11.55 3.69 29.85
CA CYS A 965 -11.22 3.21 31.18
C CYS A 965 -11.50 4.29 32.22
N LYS A 966 -11.40 3.90 33.50
CA LYS A 966 -11.55 4.86 34.58
C LYS A 966 -10.51 5.96 34.47
N CYS A 967 -9.35 5.66 33.87
CA CYS A 967 -8.28 6.63 33.69
C CYS A 967 -8.34 7.30 32.32
N GLY A 968 -9.40 7.09 31.56
CA GLY A 968 -9.57 7.76 30.29
C GLY A 968 -8.86 7.13 29.11
N GLN A 969 -8.39 5.89 29.24
CA GLN A 969 -7.70 5.21 28.16
C GLN A 969 -8.71 4.45 27.30
N ALA A 970 -8.75 4.78 26.02
CA ALA A 970 -9.67 4.11 25.10
C ALA A 970 -9.33 2.63 24.99
N TRP A 971 -10.37 1.79 24.93
CA TRP A 971 -10.20 0.35 24.89
C TRP A 971 -10.73 -0.27 23.60
N GLY A 972 -11.98 0.01 23.24
CA GLY A 972 -12.54 -0.57 22.04
C GLY A 972 -13.87 0.02 21.62
N THR A 973 -14.69 -0.79 20.95
CA THR A 973 -15.97 -0.37 20.43
C THR A 973 -17.05 -1.32 20.94
N MET A 974 -18.31 -0.97 20.64
CA MET A 974 -19.45 -1.80 20.98
C MET A 974 -19.98 -2.37 19.67
N MET A 975 -19.44 -3.52 19.28
CA MET A 975 -19.80 -4.14 18.01
C MET A 975 -21.23 -4.64 18.09
N VAL A 976 -22.01 -4.35 17.05
CA VAL A 976 -23.37 -4.86 16.92
C VAL A 976 -23.33 -6.06 15.97
N HIS A 977 -23.35 -7.25 16.54
CA HIS A 977 -23.14 -8.46 15.78
C HIS A 977 -24.26 -9.45 15.97
N LYS A 978 -24.93 -9.87 14.88
CA LYS A 978 -25.93 -10.91 14.96
C LYS A 978 -26.88 -10.67 16.14
N GLY A 979 -27.31 -9.42 16.32
CA GLY A 979 -28.17 -9.03 17.43
C GLY A 979 -27.42 -8.47 18.63
N LEU A 980 -26.53 -9.28 19.20
CA LEU A 980 -25.82 -8.89 20.42
C LEU A 980 -24.98 -7.64 20.20
N ASP A 981 -25.08 -6.70 21.13
CA ASP A 981 -24.17 -5.55 21.16
C ASP A 981 -22.97 -5.89 22.05
N LEU A 982 -22.10 -6.70 21.49
CA LEU A 982 -20.96 -7.22 22.24
C LEU A 982 -19.88 -6.16 22.38
N PRO A 983 -19.30 -5.98 23.58
CA PRO A 983 -18.21 -5.02 23.73
C PRO A 983 -16.87 -5.58 23.23
N CYS A 984 -16.44 -5.14 22.06
CA CYS A 984 -15.16 -5.57 21.50
C CYS A 984 -14.05 -4.66 22.00
N LEU A 985 -12.93 -5.25 22.38
CA LEU A 985 -11.81 -4.51 22.92
C LEU A 985 -10.56 -4.74 22.07
N LYS A 986 -9.75 -3.69 21.97
CA LYS A 986 -8.54 -3.71 21.15
C LYS A 986 -7.35 -3.94 22.06
N ILE A 987 -6.63 -5.04 21.84
CA ILE A 987 -5.43 -5.33 22.63
C ILE A 987 -4.38 -4.24 22.44
N ARG A 988 -4.51 -3.42 21.40
CA ARG A 988 -3.55 -2.34 21.18
C ARG A 988 -3.47 -1.40 22.37
N ASN A 989 -4.51 -1.33 23.18
CA ASN A 989 -4.59 -0.41 24.30
C ASN A 989 -4.67 -1.16 25.63
N PHE A 990 -3.84 -2.19 25.79
CA PHE A 990 -3.81 -2.96 27.04
C PHE A 990 -2.39 -3.43 27.30
N VAL A 991 -2.21 -4.08 28.44
CA VAL A 991 -0.94 -4.67 28.82
C VAL A 991 -1.20 -6.08 29.33
N VAL A 992 -0.20 -6.94 29.17
CA VAL A 992 -0.30 -8.34 29.56
C VAL A 992 0.59 -8.57 30.79
N ASN A 993 0.20 -9.55 31.60
CA ASN A 993 0.99 -9.94 32.77
C ASN A 993 0.87 -11.45 32.92
N PHE A 994 1.92 -12.17 32.56
CA PHE A 994 1.88 -13.63 32.65
C PHE A 994 1.79 -14.04 34.12
N LYS A 995 1.35 -15.28 34.33
CA LYS A 995 1.18 -15.80 35.69
C LYS A 995 2.51 -16.11 36.37
N ASN A 996 3.63 -16.10 35.63
CA ASN A 996 4.94 -16.39 36.20
C ASN A 996 5.93 -15.32 35.76
N ASN A 997 6.66 -14.77 36.72
CA ASN A 997 7.74 -13.82 36.47
C ASN A 997 7.21 -12.45 36.06
N SER A 998 5.90 -12.35 35.84
CA SER A 998 5.24 -11.09 35.49
C SER A 998 6.04 -10.28 34.46
N PRO A 999 6.43 -10.87 33.31
CA PRO A 999 7.06 -10.06 32.25
C PRO A 999 6.01 -9.33 31.43
N LYS A 1000 5.96 -8.01 31.60
CA LYS A 1000 5.00 -7.20 30.86
C LYS A 1000 5.39 -7.15 29.39
N LYS A 1001 4.42 -7.39 28.51
CA LYS A 1001 4.66 -7.42 27.08
C LYS A 1001 3.47 -6.83 26.35
N GLN A 1002 3.73 -5.90 25.45
CA GLN A 1002 2.72 -5.26 24.62
C GLN A 1002 2.87 -5.74 23.19
N TYR A 1003 1.76 -6.16 22.58
CA TYR A 1003 1.81 -6.79 21.26
C TYR A 1003 1.16 -5.98 20.16
N LYS A 1004 0.29 -5.02 20.49
CA LYS A 1004 -0.47 -4.27 19.50
C LYS A 1004 -1.23 -5.19 18.56
N LYS A 1005 -1.40 -6.45 18.92
CA LYS A 1005 -1.93 -7.44 18.01
C LYS A 1005 -2.30 -8.69 18.79
N TRP A 1006 -3.32 -9.40 18.31
CA TRP A 1006 -3.80 -10.59 19.00
C TRP A 1006 -3.04 -11.85 18.58
N VAL A 1007 -2.82 -12.03 17.27
CA VAL A 1007 -2.17 -13.25 16.80
C VAL A 1007 -0.77 -13.36 17.35
N GLU A 1008 -0.10 -12.22 17.56
CA GLU A 1008 1.24 -12.25 18.13
C GLU A 1008 1.25 -12.92 19.50
N LEU A 1009 0.12 -12.98 20.17
CA LEU A 1009 -0.01 -13.74 21.41
C LEU A 1009 -0.16 -15.22 21.06
N PRO A 1010 0.79 -16.08 21.43
CA PRO A 1010 0.68 -17.48 20.99
C PRO A 1010 -0.46 -18.23 21.64
N ILE A 1011 -0.87 -17.83 22.84
CA ILE A 1011 -1.93 -18.54 23.54
C ILE A 1011 -3.27 -18.12 22.97
N ARG A 1012 -4.19 -19.07 22.86
CA ARG A 1012 -5.50 -18.84 22.28
C ARG A 1012 -6.56 -18.73 23.37
N PHE A 1013 -7.66 -18.08 23.01
CA PHE A 1013 -8.77 -17.87 23.93
C PHE A 1013 -9.98 -18.70 23.50
N PRO A 1014 -10.87 -19.03 24.44
CA PRO A 1014 -12.04 -19.85 24.08
C PRO A 1014 -13.08 -19.06 23.31
N ASP A 1015 -13.86 -19.77 22.52
CA ASP A 1015 -14.93 -19.13 21.78
C ASP A 1015 -16.08 -18.78 22.70
N LEU A 1016 -16.97 -17.92 22.21
CA LEU A 1016 -18.13 -17.48 22.99
C LEU A 1016 -19.20 -18.56 22.96
N ASP A 1017 -19.51 -19.12 24.12
CA ASP A 1017 -20.58 -20.09 24.26
C ASP A 1017 -21.88 -19.34 24.56
N TYR A 1018 -22.73 -19.20 23.54
CA TYR A 1018 -23.99 -18.48 23.72
C TYR A 1018 -24.83 -19.10 24.83
N SER A 1019 -24.69 -20.41 25.05
CA SER A 1019 -25.44 -21.06 26.11
C SER A 1019 -25.13 -20.49 27.47
N GLU A 1020 -23.93 -19.92 27.65
CA GLU A 1020 -23.57 -19.29 28.92
C GLU A 1020 -24.36 -18.02 29.18
N TYR A 1021 -25.05 -17.49 28.17
CA TYR A 1021 -25.80 -16.25 28.28
C TYR A 1021 -27.30 -16.46 28.16
N CYS A 1022 -27.78 -17.69 28.28
CA CYS A 1022 -29.22 -17.94 28.20
C CYS A 1022 -29.96 -17.14 29.27
N LEU A 1023 -31.10 -16.59 28.86
CA LEU A 1023 -31.95 -15.83 29.77
C LEU A 1023 -31.19 -14.64 30.37
#